data_8G9N
#
_entry.id   8G9N
#
_cell.length_a   1.00
_cell.length_b   1.00
_cell.length_c   1.00
_cell.angle_alpha   90.00
_cell.angle_beta   90.00
_cell.angle_gamma   90.00
#
_symmetry.space_group_name_H-M   'P 1'
#
loop_
_entity.id
_entity.type
_entity.pdbx_description
1 polymer 'DNA polymerase alpha catalytic subunit'
2 polymer 'DNA template'
3 polymer 'RNA-DNA primer'
4 non-polymer "2'-DEOXYGUANOSINE-5'-TRIPHOSPHATE"
5 non-polymer 'MAGNESIUM ION'
#
loop_
_entity_poly.entity_id
_entity_poly.type
_entity_poly.pdbx_seq_one_letter_code
_entity_poly.pdbx_strand_id
1 'polypeptide(L)'
;SNAADGSQVFRFYWLDAYEDQYSQPGVVYLFGKVWIESADAYVSCCVSVKNIERTVYLLPRENRVQLSTGKDTGAPVSMM
HVYQEFNEAVAEKYKIMKFKSKKVDKDYAFEIPDVPASSEYLEVRYSADSPQLPQDLKGETFSHVFGTNTSSLELFLLSR
KIKGPSWLEIKSPQLSSQPMSWCKVEAVVTRPDQVSVVKDLAPPPVVVLSLSMKTVQNAKTHQNEIVAIAALVHHTFPLD
KAPPQPPFQTHFCVLSKLNDCIFPYDYNEAVKQKNANIEIALTERTLLGFFLAKIHKIDPDVIVGHDIYGFDLEVLLQRI
NSCKVPFWSKIGRLRRSVMPKLGGRSGFAERNAACGRIICDIEISAKELIRCKSYHLSELVHQILKAERVVIPPENIRNA
YNDSVHLLYMLENTWIDAKFILQIMCELNVLPLALQITNIAGNVMSRTLMGGRSERNEYLLLHAFTENNFIVPDKPVFKK
MQQTTVEDNDDMGTDQNKNKSRKKAAYAGGLVLEPKVGFYDKFILLLDFNSLYPSIIQEYNICFTTVHREAPSTQKGEDQ
DEIPELPHSDLEMGILPREIRKLVERRRHVKQLMKQPDLNPDLYLQYDIRQKALKLTANSMYGCLGFSYSRFYAKPLAAL
VTHQGREILLHTKEMVQKMNLEVIYGDTDSIMINTNCNNLEEVFKLGNRVKSEINKSYKLLEIDIDGIFKSLLLLKKKKY
AALTVEPTGDGKYVTKQELKGLDIVRRDWCELAKQAGNYVISQILSDQPRDSIVENIQKKLTEIGENVTNGTVPITQYEI
NKALTKDPQDYPDKKSLPHVHVALWINSQGGRKVKAGDTISYVICQDGSNLSASQRAYAQEQLQKQENLSIDTQYYLSQQ
VHPVVARICEPIDGIDSALIAMWLGLDPSQFRAHRHYQQDEENDALLGGPSQLTDEEKYRDCERFKFFCPKCGTENIYDN
VFDGSGLQIEPGLKRCSKPECDASPLDYVIQVHNKLLLDIRRYIKKYYSGWLVCEEKTCQNRTRRLPLSFSRNGPICQAC
SKATLRSEYPEKALYTQLCFYRFIFDWDYALEKVVSEQERGHLKKKLFQESENQYKKLKSTVDQVLSRSGYSEVNLSKLF
QTLNTIK
;
A
2 'polydeoxyribonucleotide'
;(DT)(DG)(DT)(DA)(DT)(DG)(DT)(DA)(DT)(DG)(DT)(DA)(DT)(DG)(DT)(DC)(DG)(DC)(DT)(DA)
(DA)(DG)(DT)(DT)(DC)(DA)(DC)(DG)(DC)(DA)(DG)(DT)(DA)(DT)(DC)(DC)(DT)(DG)(DT)(DA)
(DT)(DG)(DT)(DA)(DT)(DG)(DT)(DA)(DT)(DG)
;
C
3 'polydeoxyribonucleotide'
;(GTP)(DG)(DA)(DU)(DA)(DC)(DU)(DG)(DC)(DG)(DT)(DG)(DA)(DA)(DC)(DT)(DT)(DA)(DG)
(DOC)
;
D
#
loop_
_chem_comp.id
_chem_comp.type
_chem_comp.name
_chem_comp.formula
DA DNA linking 2'-DEOXYADENOSINE-5'-MONOPHOSPHATE 'C10 H14 N5 O6 P'
DC DNA linking 2'-DEOXYCYTIDINE-5'-MONOPHOSPHATE 'C9 H14 N3 O7 P'
DG DNA linking 2'-DEOXYGUANOSINE-5'-MONOPHOSPHATE 'C10 H14 N5 O7 P'
DGT non-polymer 2'-DEOXYGUANOSINE-5'-TRIPHOSPHATE 'C10 H16 N5 O13 P3'
DOC DNA linking 2',3'-DIDEOXYCYTIDINE-5'-MONOPHOSPHATE 'C9 H14 N3 O6 P'
DT DNA linking THYMIDINE-5'-MONOPHOSPHATE 'C10 H15 N2 O8 P'
DU DNA linking 2'-DEOXYURIDINE-5'-MONOPHOSPHATE 'C9 H13 N2 O8 P'
GTP non-polymer GUANOSINE-5'-TRIPHOSPHATE 'C10 H16 N5 O14 P3'
MG non-polymer 'MAGNESIUM ION' 'Mg 2'
#
# COMPACT_ATOMS: atom_id res chain seq x y z
N GLN A 8 -23.03 -29.53 19.13
CA GLN A 8 -22.52 -29.97 17.83
C GLN A 8 -22.00 -28.79 17.03
N VAL A 9 -22.61 -27.62 17.24
CA VAL A 9 -22.17 -26.42 16.52
C VAL A 9 -20.72 -26.11 16.88
N PHE A 10 -19.96 -25.64 15.89
CA PHE A 10 -18.56 -25.30 16.05
C PHE A 10 -18.36 -23.86 15.60
N ARG A 11 -18.00 -22.98 16.53
CA ARG A 11 -17.87 -21.56 16.27
C ARG A 11 -16.40 -21.15 16.34
N PHE A 12 -15.92 -20.49 15.29
CA PHE A 12 -14.52 -20.10 15.25
C PHE A 12 -14.36 -18.81 14.46
N TYR A 13 -13.32 -18.05 14.81
CA TYR A 13 -13.03 -16.77 14.16
C TYR A 13 -11.95 -16.99 13.12
N TRP A 14 -12.25 -16.69 11.86
CA TRP A 14 -11.36 -17.05 10.75
C TRP A 14 -10.54 -15.84 10.30
N LEU A 15 -9.29 -16.09 9.94
CA LEU A 15 -8.37 -15.04 9.51
C LEU A 15 -7.88 -15.24 8.08
N ASP A 16 -7.42 -16.44 7.73
CA ASP A 16 -6.76 -16.70 6.46
C ASP A 16 -7.42 -17.87 5.76
N ALA A 17 -7.46 -17.80 4.43
CA ALA A 17 -8.00 -18.87 3.59
C ALA A 17 -7.00 -19.21 2.51
N TYR A 18 -6.71 -20.50 2.36
CA TYR A 18 -5.76 -20.99 1.37
C TYR A 18 -6.44 -22.02 0.49
N GLU A 19 -6.15 -21.95 -0.82
CA GLU A 19 -6.74 -22.85 -1.79
C GLU A 19 -5.67 -23.30 -2.78
N ASP A 20 -5.90 -24.46 -3.39
CA ASP A 20 -5.02 -25.02 -4.41
C ASP A 20 -5.91 -25.47 -5.57
N GLN A 21 -5.92 -24.68 -6.65
CA GLN A 21 -6.81 -24.95 -7.77
C GLN A 21 -6.39 -26.18 -8.56
N TYR A 22 -5.21 -26.74 -8.32
CA TYR A 22 -4.72 -27.89 -9.06
C TYR A 22 -4.55 -29.13 -8.19
N SER A 23 -3.86 -29.00 -7.05
CA SER A 23 -3.63 -30.17 -6.20
C SER A 23 -4.94 -30.78 -5.74
N GLN A 24 -5.71 -30.04 -4.95
CA GLN A 24 -7.00 -30.51 -4.47
C GLN A 24 -8.10 -29.65 -5.09
N PRO A 25 -8.90 -30.17 -6.01
CA PRO A 25 -9.92 -29.34 -6.65
C PRO A 25 -11.17 -29.21 -5.79
N GLY A 26 -11.76 -28.02 -5.84
CA GLY A 26 -12.97 -27.76 -5.08
C GLY A 26 -12.82 -27.94 -3.58
N VAL A 27 -11.68 -27.55 -3.04
CA VAL A 27 -11.42 -27.63 -1.60
C VAL A 27 -10.82 -26.31 -1.16
N VAL A 28 -11.45 -25.66 -0.19
CA VAL A 28 -11.00 -24.37 0.32
C VAL A 28 -10.78 -24.49 1.83
N TYR A 29 -9.61 -24.09 2.29
CA TYR A 29 -9.26 -24.16 3.69
C TYR A 29 -9.49 -22.81 4.35
N LEU A 30 -10.05 -22.83 5.56
CA LEU A 30 -10.23 -21.65 6.38
C LEU A 30 -9.46 -21.85 7.68
N PHE A 31 -8.48 -20.99 7.92
CA PHE A 31 -7.68 -21.05 9.13
C PHE A 31 -8.17 -20.00 10.12
N GLY A 32 -8.12 -20.32 11.39
CA GLY A 32 -8.58 -19.38 12.40
C GLY A 32 -8.32 -19.86 13.80
N LYS A 33 -9.01 -19.23 14.74
CA LYS A 33 -8.91 -19.52 16.16
C LYS A 33 -10.25 -20.00 16.68
N VAL A 34 -10.19 -20.90 17.67
CA VAL A 34 -11.40 -21.42 18.31
C VAL A 34 -11.17 -21.48 19.81
N TRP A 35 -12.27 -21.30 20.56
CA TRP A 35 -12.21 -21.27 22.01
C TRP A 35 -12.19 -22.68 22.58
N ILE A 36 -11.37 -22.88 23.62
CA ILE A 36 -11.32 -24.15 24.33
C ILE A 36 -11.33 -23.84 25.82
N GLU A 37 -12.28 -24.44 26.54
CA GLU A 37 -12.39 -24.20 27.97
C GLU A 37 -11.34 -24.98 28.76
N SER A 38 -11.01 -26.19 28.31
CA SER A 38 -10.03 -26.98 29.04
C SER A 38 -8.72 -26.22 29.21
N ALA A 39 -8.18 -25.70 28.11
CA ALA A 39 -7.01 -24.82 28.18
C ALA A 39 -7.39 -23.38 28.48
N ASP A 40 -8.68 -23.05 28.48
CA ASP A 40 -9.14 -21.68 28.74
C ASP A 40 -8.44 -20.70 27.81
N ALA A 41 -8.34 -21.07 26.54
CA ALA A 41 -7.55 -20.29 25.60
C ALA A 41 -8.07 -20.50 24.18
N TYR A 42 -7.63 -19.63 23.29
CA TYR A 42 -7.88 -19.78 21.86
C TYR A 42 -6.77 -20.61 21.24
N VAL A 43 -7.15 -21.57 20.40
CA VAL A 43 -6.20 -22.43 19.73
C VAL A 43 -6.46 -22.40 18.24
N SER A 44 -5.40 -22.58 17.46
CA SER A 44 -5.51 -22.52 16.01
C SER A 44 -6.22 -23.75 15.47
N CYS A 45 -6.98 -23.54 14.39
CA CYS A 45 -7.72 -24.63 13.77
C CYS A 45 -7.86 -24.36 12.28
N CYS A 46 -8.11 -25.43 11.53
CA CYS A 46 -8.27 -25.37 10.08
C CYS A 46 -9.50 -26.17 9.70
N VAL A 47 -10.47 -25.51 9.07
CA VAL A 47 -11.69 -26.16 8.60
C VAL A 47 -11.60 -26.24 7.07
N SER A 48 -11.70 -27.45 6.54
CA SER A 48 -11.49 -27.69 5.12
C SER A 48 -12.85 -27.86 4.45
N VAL A 49 -13.40 -26.75 3.96
CA VAL A 49 -14.67 -26.79 3.24
C VAL A 49 -14.42 -27.56 1.94
N LYS A 50 -15.03 -28.73 1.82
CA LYS A 50 -14.91 -29.59 0.67
C LYS A 50 -16.18 -29.54 -0.15
N ASN A 51 -16.14 -30.19 -1.32
CA ASN A 51 -17.30 -30.29 -2.20
C ASN A 51 -17.84 -28.91 -2.55
N ILE A 52 -16.92 -28.02 -2.92
CA ILE A 52 -17.30 -26.65 -3.32
C ILE A 52 -17.63 -26.73 -4.81
N GLU A 53 -18.87 -27.09 -5.10
CA GLU A 53 -19.27 -27.35 -6.48
C GLU A 53 -19.03 -26.14 -7.36
N ARG A 54 -18.42 -26.38 -8.53
CA ARG A 54 -18.32 -25.35 -9.54
C ARG A 54 -19.70 -24.97 -10.05
N THR A 55 -19.87 -23.70 -10.36
CA THR A 55 -21.13 -23.17 -10.88
C THR A 55 -20.87 -22.43 -12.18
N VAL A 56 -21.83 -22.50 -13.08
CA VAL A 56 -21.74 -21.84 -14.38
C VAL A 56 -23.13 -21.40 -14.80
N TYR A 57 -23.25 -20.16 -15.27
CA TYR A 57 -24.52 -19.59 -15.67
C TYR A 57 -24.57 -19.50 -17.18
N LEU A 58 -25.58 -20.15 -17.78
CA LEU A 58 -25.73 -20.18 -19.23
C LEU A 58 -26.83 -19.21 -19.63
N LEU A 59 -26.52 -18.35 -20.61
CA LEU A 59 -27.46 -17.31 -21.02
C LEU A 59 -28.31 -17.81 -22.17
N PRO A 60 -29.62 -18.01 -21.99
CA PRO A 60 -30.44 -18.45 -23.12
C PRO A 60 -30.52 -17.41 -24.21
N ARG A 61 -30.66 -17.89 -25.44
CA ARG A 61 -30.79 -17.01 -26.59
C ARG A 61 -32.24 -16.59 -26.78
N GLU A 62 -32.44 -15.59 -27.64
CA GLU A 62 -33.80 -15.14 -27.96
C GLU A 62 -34.48 -16.10 -28.92
N ASN A 63 -33.74 -16.66 -29.86
CA ASN A 63 -34.30 -17.59 -30.84
C ASN A 63 -33.20 -18.54 -31.29
N ARG A 64 -33.62 -19.66 -31.87
CA ARG A 64 -32.67 -20.70 -32.26
C ARG A 64 -31.73 -20.20 -33.35
N VAL A 65 -30.45 -20.57 -33.23
CA VAL A 65 -29.43 -20.23 -34.20
C VAL A 65 -28.76 -21.53 -34.65
N GLN A 66 -28.62 -21.69 -35.97
CA GLN A 66 -28.11 -22.93 -36.55
C GLN A 66 -26.58 -22.96 -36.44
N LEU A 67 -26.12 -23.07 -35.20
CA LEU A 67 -24.69 -23.19 -34.91
C LEU A 67 -23.88 -22.05 -35.52
N SER A 68 -24.48 -20.86 -35.57
CA SER A 68 -23.89 -19.65 -36.12
C SER A 68 -23.67 -19.73 -37.63
N THR A 69 -24.07 -20.81 -38.29
CA THR A 69 -23.90 -20.95 -39.73
C THR A 69 -25.10 -20.39 -40.49
N GLY A 70 -26.30 -20.90 -40.18
CA GLY A 70 -27.52 -20.45 -40.81
C GLY A 70 -28.14 -19.22 -40.20
N LYS A 71 -27.49 -18.64 -39.19
CA LYS A 71 -28.02 -17.45 -38.52
C LYS A 71 -29.30 -17.78 -37.77
N ASP A 72 -30.02 -16.76 -37.32
CA ASP A 72 -31.24 -16.98 -36.55
C ASP A 72 -32.30 -17.65 -37.42
N THR A 73 -33.08 -18.54 -36.80
CA THR A 73 -34.17 -19.23 -37.48
C THR A 73 -35.54 -18.87 -36.95
N GLY A 74 -35.63 -18.18 -35.81
CA GLY A 74 -36.90 -17.75 -35.26
C GLY A 74 -37.54 -18.73 -34.30
N ALA A 75 -37.00 -19.92 -34.13
CA ALA A 75 -37.60 -20.89 -33.22
C ALA A 75 -37.36 -20.45 -31.78
N PRO A 76 -38.40 -20.25 -30.97
CA PRO A 76 -38.17 -19.84 -29.58
C PRO A 76 -37.43 -20.91 -28.79
N VAL A 77 -36.67 -20.44 -27.80
CA VAL A 77 -35.90 -21.31 -26.91
C VAL A 77 -36.30 -21.00 -25.47
N SER A 78 -36.58 -22.05 -24.71
CA SER A 78 -36.96 -21.95 -23.31
C SER A 78 -35.94 -22.67 -22.44
N MET A 79 -36.19 -22.68 -21.13
CA MET A 79 -35.25 -23.29 -20.20
C MET A 79 -35.12 -24.79 -20.46
N MET A 80 -36.24 -25.44 -20.79
CA MET A 80 -36.20 -26.89 -21.02
C MET A 80 -35.27 -27.22 -22.19
N HIS A 81 -35.34 -26.42 -23.26
CA HIS A 81 -34.47 -26.67 -24.41
C HIS A 81 -33.00 -26.49 -24.02
N VAL A 82 -32.71 -25.48 -23.21
CA VAL A 82 -31.32 -25.26 -22.77
C VAL A 82 -30.85 -26.45 -21.96
N TYR A 83 -31.69 -26.96 -21.05
CA TYR A 83 -31.30 -28.12 -20.27
C TYR A 83 -31.05 -29.32 -21.16
N GLN A 84 -31.91 -29.55 -22.15
CA GLN A 84 -31.71 -30.67 -23.06
C GLN A 84 -30.39 -30.52 -23.80
N GLU A 85 -30.11 -29.31 -24.29
CA GLU A 85 -28.88 -29.09 -25.05
C GLU A 85 -27.65 -29.34 -24.19
N PHE A 86 -27.67 -28.86 -22.95
CA PHE A 86 -26.51 -29.07 -22.08
C PHE A 86 -26.39 -30.53 -21.67
N ASN A 87 -27.51 -31.24 -21.53
CA ASN A 87 -27.45 -32.63 -21.09
C ASN A 87 -27.00 -33.56 -22.19
N GLU A 88 -27.38 -33.28 -23.44
CA GLU A 88 -27.05 -34.19 -24.54
C GLU A 88 -25.70 -33.85 -25.17
N ALA A 89 -25.54 -32.64 -25.68
CA ALA A 89 -24.35 -32.29 -26.45
C ALA A 89 -23.17 -31.95 -25.56
N VAL A 90 -23.32 -30.90 -24.74
CA VAL A 90 -22.19 -30.38 -23.98
C VAL A 90 -21.68 -31.43 -23.00
N ALA A 91 -22.59 -32.08 -22.27
CA ALA A 91 -22.18 -33.01 -21.24
C ALA A 91 -21.38 -34.16 -21.83
N GLU A 92 -21.87 -34.75 -22.92
CA GLU A 92 -21.14 -35.83 -23.57
C GLU A 92 -19.83 -35.33 -24.17
N LYS A 93 -19.87 -34.15 -24.79
CA LYS A 93 -18.68 -33.65 -25.49
C LYS A 93 -17.53 -33.40 -24.52
N TYR A 94 -17.82 -32.83 -23.35
CA TYR A 94 -16.78 -32.40 -22.42
C TYR A 94 -16.54 -33.40 -21.29
N LYS A 95 -17.16 -34.58 -21.34
CA LYS A 95 -16.99 -35.59 -20.32
C LYS A 95 -17.46 -35.08 -18.96
N ILE A 96 -18.74 -34.72 -18.91
CA ILE A 96 -19.41 -34.25 -17.69
C ILE A 96 -20.51 -35.25 -17.36
N MET A 97 -20.45 -35.81 -16.15
CA MET A 97 -21.33 -36.91 -15.77
C MET A 97 -22.58 -36.43 -15.04
N LYS A 98 -22.42 -35.75 -13.90
CA LYS A 98 -23.52 -35.35 -13.05
C LYS A 98 -23.56 -33.84 -12.92
N PHE A 99 -24.75 -33.25 -13.05
CA PHE A 99 -24.92 -31.82 -12.89
C PHE A 99 -26.32 -31.53 -12.38
N LYS A 100 -26.46 -30.37 -11.74
CA LYS A 100 -27.73 -29.93 -11.19
C LYS A 100 -28.08 -28.57 -11.78
N SER A 101 -29.33 -28.42 -12.22
CA SER A 101 -29.74 -27.25 -12.98
C SER A 101 -30.92 -26.56 -12.31
N LYS A 102 -30.97 -25.24 -12.48
CA LYS A 102 -32.11 -24.45 -12.01
C LYS A 102 -32.17 -23.16 -12.83
N LYS A 103 -33.28 -22.45 -12.70
CA LYS A 103 -33.49 -21.19 -13.40
C LYS A 103 -33.32 -20.04 -12.41
N VAL A 104 -32.44 -19.09 -12.73
CA VAL A 104 -32.15 -17.98 -11.84
C VAL A 104 -32.27 -16.69 -12.65
N ASP A 105 -33.11 -15.78 -12.17
CA ASP A 105 -33.27 -14.48 -12.82
C ASP A 105 -32.25 -13.51 -12.21
N LYS A 106 -31.36 -12.99 -13.05
CA LYS A 106 -30.30 -12.12 -12.57
C LYS A 106 -30.11 -10.96 -13.54
N ASP A 107 -29.55 -9.88 -13.01
CA ASP A 107 -29.28 -8.66 -13.77
C ASP A 107 -27.77 -8.55 -14.03
N TYR A 108 -27.44 -7.90 -15.13
CA TYR A 108 -26.06 -7.83 -15.60
C TYR A 108 -25.76 -6.41 -16.07
N ALA A 109 -24.62 -5.87 -15.62
CA ALA A 109 -24.16 -4.57 -16.10
C ALA A 109 -22.62 -4.57 -16.01
N PHE A 110 -21.99 -4.94 -17.12
CA PHE A 110 -20.52 -4.97 -17.21
C PHE A 110 -20.15 -4.88 -18.68
N GLU A 111 -18.86 -5.04 -18.97
CA GLU A 111 -18.31 -4.75 -20.29
C GLU A 111 -18.33 -6.00 -21.16
N ILE A 112 -19.52 -6.34 -21.65
CA ILE A 112 -19.71 -7.41 -22.62
C ILE A 112 -20.94 -7.06 -23.46
N PRO A 113 -20.93 -7.31 -24.77
CA PRO A 113 -22.07 -6.90 -25.59
C PRO A 113 -23.14 -7.97 -25.71
N ASP A 114 -24.35 -7.51 -25.99
CA ASP A 114 -25.49 -8.40 -26.24
C ASP A 114 -25.74 -9.33 -25.06
N VAL A 115 -25.59 -8.81 -23.85
CA VAL A 115 -25.96 -9.53 -22.63
C VAL A 115 -27.13 -8.79 -21.99
N PRO A 116 -28.35 -9.33 -22.02
CA PRO A 116 -29.50 -8.54 -21.58
C PRO A 116 -29.36 -8.07 -20.15
N ALA A 117 -29.95 -6.91 -19.87
CA ALA A 117 -29.77 -6.28 -18.56
C ALA A 117 -30.32 -7.16 -17.44
N SER A 118 -31.49 -7.77 -17.65
CA SER A 118 -32.12 -8.63 -16.64
C SER A 118 -32.70 -9.83 -17.37
N SER A 119 -32.09 -11.01 -17.16
CA SER A 119 -32.46 -12.19 -17.91
C SER A 119 -32.52 -13.41 -16.99
N GLU A 120 -33.19 -14.45 -17.49
CA GLU A 120 -33.39 -15.70 -16.76
C GLU A 120 -32.31 -16.68 -17.18
N TYR A 121 -31.16 -16.59 -16.52
CA TYR A 121 -30.07 -17.50 -16.80
C TYR A 121 -30.40 -18.89 -16.28
N LEU A 122 -29.70 -19.89 -16.81
CA LEU A 122 -29.80 -21.26 -16.32
C LEU A 122 -28.53 -21.57 -15.56
N GLU A 123 -28.67 -21.73 -14.25
CA GLU A 123 -27.52 -22.07 -13.41
C GLU A 123 -27.32 -23.58 -13.42
N VAL A 124 -26.07 -23.99 -13.58
CA VAL A 124 -25.70 -25.40 -13.59
C VAL A 124 -24.50 -25.56 -12.66
N ARG A 125 -24.61 -26.47 -11.70
CA ARG A 125 -23.53 -26.77 -10.78
C ARG A 125 -23.07 -28.20 -10.98
N TYR A 126 -21.76 -28.40 -10.93
CA TYR A 126 -21.18 -29.73 -11.04
C TYR A 126 -19.89 -29.77 -10.23
N SER A 127 -19.50 -30.99 -9.86
CA SER A 127 -18.39 -31.16 -8.95
C SER A 127 -17.10 -30.61 -9.54
N ALA A 128 -16.22 -30.15 -8.66
CA ALA A 128 -14.97 -29.53 -9.11
C ALA A 128 -14.09 -30.53 -9.86
N ASP A 129 -14.03 -31.77 -9.38
CA ASP A 129 -13.10 -32.74 -9.96
C ASP A 129 -13.34 -32.95 -11.44
N SER A 130 -14.60 -32.84 -11.87
CA SER A 130 -14.90 -33.04 -13.28
C SER A 130 -14.27 -31.94 -14.11
N PRO A 131 -14.02 -32.20 -15.41
CA PRO A 131 -13.39 -31.19 -16.26
C PRO A 131 -14.14 -29.87 -16.26
N GLN A 132 -13.50 -28.82 -16.76
CA GLN A 132 -14.03 -27.46 -16.72
C GLN A 132 -14.46 -27.03 -18.11
N LEU A 133 -15.59 -26.33 -18.18
CA LEU A 133 -16.06 -25.82 -19.46
C LEU A 133 -15.14 -24.71 -19.95
N PRO A 134 -15.13 -24.42 -21.25
CA PRO A 134 -14.32 -23.32 -21.77
C PRO A 134 -15.09 -22.01 -21.84
N GLN A 135 -14.32 -20.92 -21.76
CA GLN A 135 -14.93 -19.60 -21.64
C GLN A 135 -15.80 -19.26 -22.84
N ASP A 136 -15.35 -19.59 -24.04
CA ASP A 136 -16.05 -19.19 -25.25
C ASP A 136 -17.15 -20.15 -25.65
N LEU A 137 -17.37 -21.22 -24.88
CA LEU A 137 -18.35 -22.23 -25.24
C LEU A 137 -19.67 -21.60 -25.63
N LYS A 138 -20.10 -21.86 -26.85
CA LYS A 138 -21.37 -21.36 -27.38
C LYS A 138 -22.09 -22.52 -28.06
N GLY A 139 -23.36 -22.73 -27.70
CA GLY A 139 -24.17 -23.76 -28.30
C GLY A 139 -25.20 -23.20 -29.27
N GLU A 140 -26.14 -24.06 -29.65
CA GLU A 140 -27.21 -23.66 -30.54
C GLU A 140 -28.36 -22.98 -29.80
N THR A 141 -28.40 -23.06 -28.47
CA THR A 141 -29.48 -22.48 -27.70
C THR A 141 -29.05 -21.33 -26.79
N PHE A 142 -27.77 -21.24 -26.44
CA PHE A 142 -27.27 -20.20 -25.56
C PHE A 142 -26.07 -19.52 -26.22
N SER A 143 -25.81 -18.28 -25.80
CA SER A 143 -24.81 -17.45 -26.43
C SER A 143 -23.64 -17.10 -25.52
N HIS A 144 -23.64 -17.55 -24.27
CA HIS A 144 -22.54 -17.21 -23.38
C HIS A 144 -22.64 -18.02 -22.10
N VAL A 145 -21.48 -18.31 -21.52
CA VAL A 145 -21.37 -18.98 -20.23
C VAL A 145 -20.54 -18.09 -19.31
N PHE A 146 -21.04 -17.86 -18.10
CA PHE A 146 -20.37 -17.05 -17.09
C PHE A 146 -19.95 -17.91 -15.93
N GLY A 147 -18.87 -17.50 -15.26
CA GLY A 147 -18.44 -18.14 -14.03
C GLY A 147 -17.72 -19.45 -14.22
N THR A 148 -17.16 -19.70 -15.40
CA THR A 148 -16.51 -20.98 -15.65
C THR A 148 -15.26 -21.14 -14.78
N ASN A 149 -14.43 -20.11 -14.72
CA ASN A 149 -13.14 -20.19 -14.05
C ASN A 149 -13.17 -19.61 -12.65
N THR A 150 -14.35 -19.28 -12.12
CA THR A 150 -14.46 -18.70 -10.79
C THR A 150 -13.82 -19.61 -9.76
N SER A 151 -12.77 -19.13 -9.11
CA SER A 151 -12.04 -19.96 -8.16
C SER A 151 -12.95 -20.43 -7.03
N SER A 152 -12.57 -21.55 -6.42
CA SER A 152 -13.39 -22.12 -5.36
C SER A 152 -13.48 -21.17 -4.17
N LEU A 153 -12.36 -20.56 -3.79
CA LEU A 153 -12.38 -19.64 -2.65
C LEU A 153 -13.32 -18.48 -2.90
N GLU A 154 -13.29 -17.90 -4.10
CA GLU A 154 -14.16 -16.77 -4.40
C GLU A 154 -15.62 -17.17 -4.32
N LEU A 155 -15.96 -18.36 -4.84
CA LEU A 155 -17.35 -18.83 -4.76
C LEU A 155 -17.77 -19.02 -3.32
N PHE A 156 -16.92 -19.68 -2.52
CA PHE A 156 -17.28 -19.94 -1.13
C PHE A 156 -17.42 -18.63 -0.35
N LEU A 157 -16.65 -17.61 -0.71
CA LEU A 157 -16.74 -16.34 0.01
C LEU A 157 -17.99 -15.56 -0.41
N LEU A 158 -18.14 -15.30 -1.70
CA LEU A 158 -19.26 -14.49 -2.17
C LEU A 158 -20.60 -15.17 -1.85
N SER A 159 -20.70 -16.47 -2.13
CA SER A 159 -21.98 -17.16 -1.98
C SER A 159 -22.43 -17.18 -0.52
N ARG A 160 -21.51 -17.47 0.40
CA ARG A 160 -21.86 -17.56 1.81
C ARG A 160 -21.91 -16.20 2.50
N LYS A 161 -21.56 -15.12 1.81
CA LYS A 161 -21.68 -13.74 2.29
C LYS A 161 -20.58 -13.35 3.27
N ILE A 162 -19.54 -14.17 3.43
CA ILE A 162 -18.45 -13.80 4.33
C ILE A 162 -17.72 -12.60 3.77
N LYS A 163 -17.52 -11.59 4.61
CA LYS A 163 -16.82 -10.36 4.22
C LYS A 163 -15.73 -10.09 5.26
N GLY A 164 -14.53 -10.60 5.00
CA GLY A 164 -13.40 -10.35 5.87
C GLY A 164 -13.44 -11.21 7.11
N PRO A 165 -12.38 -11.15 7.92
CA PRO A 165 -12.34 -11.98 9.12
C PRO A 165 -13.55 -11.75 10.01
N SER A 166 -14.11 -12.84 10.52
CA SER A 166 -15.31 -12.78 11.34
C SER A 166 -15.49 -14.12 12.03
N TRP A 167 -16.54 -14.19 12.84
CA TRP A 167 -16.92 -15.40 13.56
C TRP A 167 -17.89 -16.21 12.70
N LEU A 168 -17.56 -17.47 12.46
CA LEU A 168 -18.36 -18.37 11.65
C LEU A 168 -18.81 -19.56 12.48
N GLU A 169 -20.03 -20.01 12.19
CA GLU A 169 -20.65 -21.15 12.85
C GLU A 169 -20.79 -22.29 11.85
N ILE A 170 -20.44 -23.49 12.30
CA ILE A 170 -20.42 -24.69 11.47
C ILE A 170 -21.37 -25.70 12.10
N LYS A 171 -22.22 -26.30 11.28
CA LYS A 171 -23.18 -27.31 11.72
C LYS A 171 -22.69 -28.69 11.32
N SER A 172 -22.65 -29.60 12.28
CA SER A 172 -22.25 -30.99 12.04
C SER A 172 -20.85 -31.05 11.49
N PRO A 173 -19.83 -30.64 12.24
CA PRO A 173 -18.45 -30.85 11.81
C PRO A 173 -18.09 -32.32 11.83
N GLN A 174 -17.15 -32.69 10.98
CA GLN A 174 -16.68 -34.07 10.87
C GLN A 174 -15.18 -34.11 11.14
N LEU A 175 -14.77 -34.97 12.07
CA LEU A 175 -13.35 -35.13 12.34
C LEU A 175 -12.63 -35.69 11.13
N SER A 176 -11.44 -35.17 10.87
CA SER A 176 -10.65 -35.63 9.74
C SER A 176 -10.16 -37.06 9.97
N SER A 177 -10.16 -37.87 8.91
CA SER A 177 -9.72 -39.25 9.03
C SER A 177 -8.27 -39.32 9.46
N GLN A 178 -7.42 -38.52 8.84
CA GLN A 178 -6.01 -38.43 9.16
C GLN A 178 -5.60 -36.98 9.27
N PRO A 179 -4.52 -36.69 10.00
CA PRO A 179 -4.10 -35.28 10.13
C PRO A 179 -3.83 -34.66 8.78
N MET A 180 -4.26 -33.41 8.62
CA MET A 180 -4.08 -32.67 7.39
C MET A 180 -3.40 -31.31 7.59
N SER A 181 -3.57 -30.70 8.76
CA SER A 181 -2.99 -29.39 9.04
C SER A 181 -2.19 -29.46 10.33
N TRP A 182 -1.34 -28.46 10.53
CA TRP A 182 -0.45 -28.41 11.69
C TRP A 182 -1.10 -27.76 12.91
N CYS A 183 -2.36 -27.34 12.80
CA CYS A 183 -3.03 -26.69 13.92
C CYS A 183 -3.46 -27.72 14.96
N LYS A 184 -4.01 -27.23 16.07
CA LYS A 184 -4.38 -28.06 17.20
C LYS A 184 -5.83 -28.50 17.17
N VAL A 185 -6.59 -28.10 16.15
CA VAL A 185 -7.98 -28.55 16.00
C VAL A 185 -8.30 -28.59 14.51
N GLU A 186 -8.95 -29.65 14.08
CA GLU A 186 -9.29 -29.83 12.67
C GLU A 186 -10.76 -30.18 12.54
N ALA A 187 -11.41 -29.57 11.56
CA ALA A 187 -12.80 -29.86 11.27
C ALA A 187 -12.96 -29.99 9.76
N VAL A 188 -13.97 -30.76 9.35
CA VAL A 188 -14.27 -30.99 7.94
C VAL A 188 -15.71 -30.57 7.69
N VAL A 189 -15.91 -29.73 6.69
CA VAL A 189 -17.23 -29.28 6.28
C VAL A 189 -17.54 -29.93 4.94
N THR A 190 -18.64 -30.68 4.89
CA THR A 190 -18.98 -31.48 3.72
C THR A 190 -19.71 -30.68 2.64
N ARG A 191 -20.16 -29.47 2.93
CA ARG A 191 -20.86 -28.66 1.96
C ARG A 191 -20.71 -27.20 2.33
N PRO A 192 -20.75 -26.29 1.35
CA PRO A 192 -20.67 -24.86 1.69
C PRO A 192 -21.89 -24.35 2.44
N ASP A 193 -23.01 -25.07 2.42
CA ASP A 193 -24.23 -24.59 3.03
C ASP A 193 -24.26 -24.79 4.54
N GLN A 194 -23.28 -25.49 5.11
CA GLN A 194 -23.24 -25.75 6.55
C GLN A 194 -22.52 -24.67 7.33
N VAL A 195 -21.94 -23.67 6.66
CA VAL A 195 -21.12 -22.64 7.31
C VAL A 195 -21.85 -21.31 7.16
N SER A 196 -22.07 -20.64 8.29
CA SER A 196 -22.72 -19.34 8.31
C SER A 196 -21.87 -18.38 9.14
N VAL A 197 -22.28 -17.11 9.15
CA VAL A 197 -21.55 -16.05 9.85
C VAL A 197 -22.43 -15.53 10.98
N VAL A 198 -21.82 -15.32 12.15
CA VAL A 198 -22.50 -14.77 13.32
C VAL A 198 -21.98 -13.37 13.55
N LYS A 199 -22.89 -12.45 13.83
CA LYS A 199 -22.57 -11.04 13.99
C LYS A 199 -22.52 -10.64 15.46
N ASP A 200 -22.01 -9.42 15.70
CA ASP A 200 -22.03 -8.80 17.02
C ASP A 200 -21.26 -9.66 18.04
N LEU A 201 -19.96 -9.78 17.81
CA LEU A 201 -19.07 -10.45 18.75
C LEU A 201 -17.70 -9.79 18.68
N ALA A 202 -16.94 -9.95 19.75
CA ALA A 202 -15.65 -9.28 19.87
C ALA A 202 -14.56 -10.10 19.19
N PRO A 203 -13.76 -9.51 18.30
CA PRO A 203 -12.63 -10.23 17.73
C PRO A 203 -11.70 -10.74 18.82
N PRO A 204 -11.12 -11.92 18.67
CA PRO A 204 -10.30 -12.48 19.73
C PRO A 204 -8.85 -12.06 19.59
N PRO A 205 -8.05 -12.23 20.64
CA PRO A 205 -6.62 -11.92 20.52
C PRO A 205 -5.92 -12.88 19.58
N VAL A 206 -4.81 -12.42 19.01
CA VAL A 206 -4.01 -13.19 18.08
C VAL A 206 -2.59 -13.29 18.61
N VAL A 207 -1.79 -14.15 17.97
CA VAL A 207 -0.38 -14.31 18.29
C VAL A 207 0.44 -13.64 17.21
N VAL A 208 1.32 -12.72 17.61
CA VAL A 208 2.11 -11.93 16.67
C VAL A 208 3.58 -12.21 16.94
N LEU A 209 4.31 -12.59 15.89
CA LEU A 209 5.73 -12.92 16.00
C LEU A 209 6.51 -12.03 15.04
N SER A 210 7.37 -11.18 15.60
CA SER A 210 8.25 -10.34 14.82
C SER A 210 9.63 -10.98 14.78
N LEU A 211 10.14 -11.21 13.57
CA LEU A 211 11.39 -11.93 13.40
C LEU A 211 12.42 -11.06 12.69
N SER A 212 13.69 -11.27 13.06
CA SER A 212 14.81 -10.56 12.45
C SER A 212 15.97 -11.52 12.31
N MET A 213 16.53 -11.59 11.11
CA MET A 213 17.60 -12.54 10.79
C MET A 213 18.80 -11.77 10.28
N LYS A 214 19.98 -12.13 10.81
CA LYS A 214 21.25 -11.63 10.32
C LYS A 214 21.93 -12.74 9.55
N THR A 215 22.33 -12.43 8.31
CA THR A 215 22.89 -13.40 7.38
C THR A 215 24.21 -12.90 6.84
N VAL A 216 25.09 -13.84 6.48
CA VAL A 216 26.39 -13.55 5.90
C VAL A 216 26.43 -14.22 4.53
N GLN A 217 26.83 -13.46 3.51
CA GLN A 217 26.84 -13.96 2.14
C GLN A 217 28.09 -14.78 1.89
N ASN A 218 27.90 -16.00 1.40
CA ASN A 218 29.01 -16.91 1.15
C ASN A 218 29.96 -16.31 0.12
N ALA A 219 31.25 -16.38 0.40
CA ALA A 219 32.24 -15.79 -0.50
C ALA A 219 32.45 -16.66 -1.73
N LYS A 220 32.67 -17.96 -1.54
CA LYS A 220 32.97 -18.84 -2.66
C LYS A 220 31.74 -19.05 -3.53
N THR A 221 30.60 -19.36 -2.92
CA THR A 221 29.40 -19.73 -3.67
C THR A 221 28.53 -18.54 -4.04
N HIS A 222 28.80 -17.35 -3.50
CA HIS A 222 28.02 -16.16 -3.81
C HIS A 222 26.55 -16.36 -3.50
N GLN A 223 26.26 -16.86 -2.30
CA GLN A 223 24.89 -17.04 -1.83
C GLN A 223 24.83 -16.69 -0.35
N ASN A 224 23.64 -16.86 0.24
CA ASN A 224 23.37 -16.43 1.60
C ASN A 224 23.25 -17.63 2.53
N GLU A 225 23.87 -17.51 3.71
CA GLU A 225 23.77 -18.50 4.77
C GLU A 225 23.43 -17.79 6.07
N ILE A 226 22.23 -18.04 6.58
CA ILE A 226 21.78 -17.37 7.79
C ILE A 226 22.70 -17.71 8.94
N VAL A 227 22.95 -16.74 9.82
CA VAL A 227 23.84 -16.95 10.96
C VAL A 227 23.18 -16.63 12.29
N ALA A 228 22.18 -15.75 12.34
CA ALA A 228 21.50 -15.49 13.61
C ALA A 228 20.04 -15.18 13.34
N ILE A 229 19.16 -15.62 14.23
CA ILE A 229 17.72 -15.41 14.07
C ILE A 229 17.13 -15.13 15.44
N ALA A 230 16.46 -14.00 15.58
CA ALA A 230 15.79 -13.65 16.82
C ALA A 230 14.33 -13.34 16.53
N ALA A 231 13.47 -13.62 17.49
CA ALA A 231 12.06 -13.35 17.32
C ALA A 231 11.43 -12.98 18.66
N LEU A 232 10.46 -12.08 18.59
CA LEU A 232 9.68 -11.67 19.75
C LEU A 232 8.22 -11.98 19.48
N VAL A 233 7.58 -12.69 20.40
CA VAL A 233 6.21 -13.16 20.21
C VAL A 233 5.34 -12.63 21.33
N HIS A 234 4.17 -12.12 20.96
CA HIS A 234 3.11 -11.73 21.87
C HIS A 234 1.92 -12.65 21.66
N HIS A 235 1.39 -13.20 22.75
CA HIS A 235 0.37 -14.25 22.67
C HIS A 235 -1.05 -13.72 22.76
N THR A 236 -1.25 -12.41 22.91
CA THR A 236 -2.60 -11.87 23.06
C THR A 236 -2.79 -10.56 22.32
N PHE A 237 -2.02 -10.31 21.26
CA PHE A 237 -2.07 -9.04 20.55
C PHE A 237 -3.50 -8.75 20.10
N PRO A 238 -4.18 -7.77 20.69
CA PRO A 238 -5.57 -7.50 20.31
C PRO A 238 -5.65 -6.87 18.93
N LEU A 239 -6.87 -6.85 18.40
CA LEU A 239 -7.13 -6.27 17.09
C LEU A 239 -8.30 -5.29 17.08
N ASP A 240 -8.85 -4.94 18.25
CA ASP A 240 -9.94 -3.98 18.35
C ASP A 240 -9.69 -2.93 19.43
N LYS A 241 -8.54 -2.96 20.08
CA LYS A 241 -8.17 -1.99 21.10
C LYS A 241 -6.79 -1.43 20.77
N ALA A 242 -6.28 -0.59 21.66
CA ALA A 242 -4.97 0.00 21.45
C ALA A 242 -3.89 -1.06 21.57
N PRO A 243 -2.72 -0.84 20.97
CA PRO A 243 -1.64 -1.82 21.09
C PRO A 243 -1.23 -2.02 22.53
N PRO A 244 -0.86 -3.23 22.92
CA PRO A 244 -0.47 -3.47 24.31
C PRO A 244 0.92 -2.94 24.61
N GLN A 245 1.12 -2.58 25.87
CA GLN A 245 2.40 -2.09 26.36
C GLN A 245 2.79 -2.92 27.57
N PRO A 246 3.94 -3.61 27.55
CA PRO A 246 4.96 -3.63 26.49
C PRO A 246 4.49 -4.40 25.26
N PRO A 247 4.97 -4.03 24.08
CA PRO A 247 4.47 -4.68 22.86
C PRO A 247 4.70 -6.18 22.81
N PHE A 248 5.80 -6.67 23.37
CA PHE A 248 6.19 -8.07 23.23
C PHE A 248 6.19 -8.75 24.59
N GLN A 249 5.75 -10.01 24.62
CA GLN A 249 5.61 -10.77 25.85
C GLN A 249 6.78 -11.71 26.10
N THR A 250 7.22 -12.46 25.08
CA THR A 250 8.38 -13.34 25.24
C THR A 250 9.16 -13.34 23.93
N HIS A 251 10.22 -14.13 23.88
CA HIS A 251 11.11 -14.09 22.73
C HIS A 251 11.97 -15.36 22.71
N PHE A 252 12.61 -15.58 21.56
CA PHE A 252 13.58 -16.65 21.44
C PHE A 252 14.67 -16.23 20.47
N CYS A 253 15.91 -16.56 20.81
CA CYS A 253 17.08 -16.23 20.00
C CYS A 253 17.85 -17.51 19.68
N VAL A 254 18.38 -17.58 18.46
CA VAL A 254 19.17 -18.72 18.02
C VAL A 254 20.34 -18.19 17.21
N LEU A 255 21.52 -18.76 17.45
CA LEU A 255 22.74 -18.36 16.76
C LEU A 255 23.46 -19.59 16.24
N SER A 256 23.94 -19.52 15.00
CA SER A 256 24.63 -20.63 14.36
C SER A 256 26.08 -20.24 14.11
N LYS A 257 27.01 -21.06 14.59
CA LYS A 257 28.42 -20.83 14.33
C LYS A 257 28.70 -20.93 12.84
N LEU A 258 29.58 -20.07 12.36
CA LEU A 258 29.93 -20.07 10.95
C LEU A 258 30.62 -21.38 10.56
N ASN A 259 30.40 -21.80 9.31
CA ASN A 259 30.96 -23.06 8.84
C ASN A 259 32.49 -23.05 8.90
N ASP A 260 33.11 -21.88 8.77
CA ASP A 260 34.56 -21.75 8.79
C ASP A 260 35.08 -21.21 10.11
N CYS A 261 34.50 -20.12 10.61
CA CYS A 261 34.96 -19.53 11.85
C CYS A 261 34.57 -20.41 13.04
N ILE A 262 35.25 -20.18 14.16
CA ILE A 262 35.03 -20.93 15.39
C ILE A 262 34.79 -19.93 16.51
N PHE A 263 34.11 -20.40 17.56
CA PHE A 263 33.81 -19.54 18.70
C PHE A 263 35.10 -19.12 19.39
N PRO A 264 35.09 -17.97 20.09
CA PRO A 264 36.29 -17.46 20.76
C PRO A 264 36.56 -18.09 22.13
N TYR A 265 36.45 -19.43 22.18
CA TYR A 265 36.80 -20.20 23.38
C TYR A 265 36.08 -19.70 24.63
N ASP A 266 35.04 -18.89 24.47
CA ASP A 266 34.31 -18.36 25.61
C ASP A 266 32.80 -18.33 25.38
N TYR A 267 32.30 -18.91 24.28
CA TYR A 267 30.88 -18.81 23.98
C TYR A 267 30.05 -19.48 25.07
N ASN A 268 30.51 -20.60 25.60
CA ASN A 268 29.75 -21.30 26.64
C ASN A 268 29.56 -20.41 27.86
N GLU A 269 30.66 -19.84 28.37
CA GLU A 269 30.57 -19.01 29.56
C GLU A 269 29.74 -17.76 29.30
N ALA A 270 29.92 -17.14 28.13
CA ALA A 270 29.16 -15.93 27.81
C ALA A 270 27.67 -16.22 27.78
N VAL A 271 27.28 -17.32 27.13
CA VAL A 271 25.87 -17.68 27.07
C VAL A 271 25.34 -18.01 28.47
N LYS A 272 26.12 -18.76 29.25
CA LYS A 272 25.66 -19.14 30.59
C LYS A 272 25.43 -17.91 31.46
N GLN A 273 26.34 -16.92 31.40
CA GLN A 273 26.19 -15.71 32.19
C GLN A 273 25.16 -14.76 31.60
N LYS A 274 24.83 -14.90 30.32
CA LYS A 274 23.84 -14.02 29.70
C LYS A 274 22.42 -14.50 29.99
N ASN A 275 22.07 -15.70 29.52
CA ASN A 275 20.74 -16.26 29.71
C ASN A 275 20.73 -17.67 29.15
N ALA A 276 19.69 -18.42 29.50
CA ALA A 276 19.47 -19.77 28.99
C ALA A 276 18.37 -19.81 27.94
N ASN A 277 17.97 -18.66 27.41
CA ASN A 277 16.89 -18.57 26.42
C ASN A 277 17.40 -18.58 24.99
N ILE A 278 18.70 -18.77 24.77
CA ILE A 278 19.32 -18.71 23.46
C ILE A 278 19.78 -20.10 23.08
N GLU A 279 19.56 -20.46 21.80
CA GLU A 279 19.93 -21.77 21.28
C GLU A 279 21.13 -21.64 20.37
N ILE A 280 22.20 -22.35 20.70
CA ILE A 280 23.39 -22.42 19.85
C ILE A 280 23.23 -23.62 18.93
N ALA A 281 23.31 -23.38 17.62
CA ALA A 281 23.16 -24.42 16.62
C ALA A 281 24.49 -24.60 15.90
N LEU A 282 24.88 -25.87 15.70
CA LEU A 282 26.15 -26.16 15.08
C LEU A 282 26.14 -25.90 13.57
N THR A 283 24.97 -25.90 12.94
CA THR A 283 24.87 -25.69 11.51
C THR A 283 23.62 -24.89 11.21
N GLU A 284 23.44 -24.54 9.94
CA GLU A 284 22.20 -23.91 9.51
C GLU A 284 21.05 -24.91 9.53
N ARG A 285 21.34 -26.19 9.37
CA ARG A 285 20.30 -27.21 9.41
C ARG A 285 19.62 -27.25 10.77
N THR A 286 20.41 -27.36 11.84
CA THR A 286 19.84 -27.40 13.18
C THR A 286 19.13 -26.09 13.49
N LEU A 287 19.70 -24.97 13.07
CA LEU A 287 19.07 -23.67 13.29
C LEU A 287 17.69 -23.63 12.65
N LEU A 288 17.59 -24.06 11.39
CA LEU A 288 16.31 -23.99 10.70
C LEU A 288 15.31 -24.98 11.30
N GLY A 289 15.77 -26.16 11.70
CA GLY A 289 14.88 -27.09 12.36
C GLY A 289 14.33 -26.53 13.67
N PHE A 290 15.20 -25.91 14.46
CA PHE A 290 14.76 -25.27 15.70
C PHE A 290 13.77 -24.15 15.41
N PHE A 291 14.04 -23.36 14.36
CA PHE A 291 13.13 -22.28 14.02
C PHE A 291 11.75 -22.82 13.65
N LEU A 292 11.71 -23.87 12.84
CA LEU A 292 10.43 -24.46 12.45
C LEU A 292 9.70 -25.03 13.65
N ALA A 293 10.42 -25.73 14.53
CA ALA A 293 9.78 -26.28 15.72
C ALA A 293 9.20 -25.18 16.59
N LYS A 294 9.95 -24.10 16.80
CA LYS A 294 9.46 -23.01 17.62
C LYS A 294 8.25 -22.34 16.97
N ILE A 295 8.27 -22.17 15.65
CA ILE A 295 7.12 -21.56 14.98
C ILE A 295 5.90 -22.44 15.14
N HIS A 296 6.06 -23.75 15.00
CA HIS A 296 4.93 -24.66 15.18
C HIS A 296 4.39 -24.59 16.61
N LYS A 297 5.28 -24.64 17.61
CA LYS A 297 4.84 -24.62 18.99
C LYS A 297 4.11 -23.32 19.31
N ILE A 298 4.69 -22.19 18.88
CA ILE A 298 4.02 -20.90 19.09
C ILE A 298 2.78 -20.79 18.23
N ASP A 299 2.84 -21.32 17.01
CA ASP A 299 1.72 -21.24 16.09
C ASP A 299 1.35 -19.78 15.87
N PRO A 300 2.27 -18.95 15.37
CA PRO A 300 1.95 -17.54 15.18
C PRO A 300 0.87 -17.35 14.13
N ASP A 301 0.09 -16.28 14.31
CA ASP A 301 -0.94 -15.91 13.35
C ASP A 301 -0.52 -14.73 12.47
N VAL A 302 0.39 -13.89 12.93
CA VAL A 302 0.91 -12.78 12.15
C VAL A 302 2.42 -12.72 12.31
N ILE A 303 3.15 -13.21 11.31
CA ILE A 303 4.60 -13.14 11.31
C ILE A 303 5.00 -11.85 10.59
N VAL A 304 5.79 -11.03 11.27
CA VAL A 304 6.09 -9.68 10.82
C VAL A 304 7.59 -9.48 10.74
N GLY A 305 7.99 -8.60 9.82
CA GLY A 305 9.39 -8.27 9.64
C GLY A 305 9.54 -7.17 8.62
N HIS A 306 10.80 -6.83 8.35
CA HIS A 306 11.13 -5.83 7.34
C HIS A 306 11.58 -6.53 6.07
N ASP A 307 10.92 -6.21 4.96
CA ASP A 307 11.18 -6.89 3.68
C ASP A 307 11.01 -8.39 3.83
N ILE A 308 10.07 -8.81 4.68
CA ILE A 308 9.88 -10.23 4.92
C ILE A 308 9.45 -10.93 3.65
N TYR A 309 8.52 -10.33 2.90
CA TYR A 309 8.11 -10.92 1.63
C TYR A 309 9.28 -10.97 0.65
N GLY A 310 10.08 -9.92 0.63
CA GLY A 310 11.12 -9.79 -0.39
C GLY A 310 12.35 -10.63 -0.15
N PHE A 311 12.95 -10.52 1.03
CA PHE A 311 14.28 -11.08 1.27
C PHE A 311 14.35 -12.05 2.44
N ASP A 312 13.46 -11.98 3.41
CA ASP A 312 13.58 -12.81 4.62
C ASP A 312 12.95 -14.19 4.43
N LEU A 313 11.65 -14.23 4.14
CA LEU A 313 10.98 -15.50 3.94
C LEU A 313 11.56 -16.27 2.76
N GLU A 314 11.88 -15.55 1.68
CA GLU A 314 12.47 -16.21 0.52
C GLU A 314 13.82 -16.81 0.88
N VAL A 315 14.64 -16.07 1.63
CA VAL A 315 15.93 -16.60 2.04
C VAL A 315 15.76 -17.83 2.91
N LEU A 316 14.80 -17.79 3.84
CA LEU A 316 14.59 -18.93 4.73
C LEU A 316 14.17 -20.16 3.94
N LEU A 317 13.21 -20.00 3.03
CA LEU A 317 12.76 -21.14 2.23
C LEU A 317 13.88 -21.67 1.35
N GLN A 318 14.64 -20.78 0.72
CA GLN A 318 15.72 -21.23 -0.14
C GLN A 318 16.79 -21.95 0.67
N ARG A 319 17.08 -21.48 1.87
CA ARG A 319 18.08 -22.14 2.69
C ARG A 319 17.60 -23.50 3.14
N ILE A 320 16.30 -23.62 3.45
CA ILE A 320 15.74 -24.92 3.78
C ILE A 320 15.90 -25.87 2.60
N ASN A 321 15.58 -25.39 1.40
CA ASN A 321 15.72 -26.23 0.21
C ASN A 321 17.17 -26.64 -0.01
N SER A 322 18.10 -25.70 0.13
CA SER A 322 19.50 -26.00 -0.15
C SER A 322 20.07 -26.99 0.87
N CYS A 323 19.79 -26.77 2.15
CA CYS A 323 20.25 -27.69 3.19
C CYS A 323 19.30 -28.85 3.41
N LYS A 324 18.13 -28.83 2.79
CA LYS A 324 17.14 -29.90 2.92
C LYS A 324 16.83 -30.17 4.39
N VAL A 325 16.28 -29.16 5.05
CA VAL A 325 15.80 -29.30 6.42
C VAL A 325 14.43 -29.95 6.36
N PRO A 326 14.23 -31.09 7.01
CA PRO A 326 12.97 -31.82 6.85
C PRO A 326 11.79 -31.06 7.42
N PHE A 327 10.60 -31.39 6.92
CA PHE A 327 9.34 -30.85 7.42
C PHE A 327 9.27 -29.34 7.19
N TRP A 328 9.51 -28.93 5.95
CA TRP A 328 9.40 -27.51 5.61
C TRP A 328 7.98 -27.00 5.80
N SER A 329 6.98 -27.88 5.63
CA SER A 329 5.60 -27.44 5.63
C SER A 329 5.22 -26.72 6.91
N LYS A 330 5.92 -26.98 8.01
CA LYS A 330 5.60 -26.33 9.28
C LYS A 330 5.67 -24.81 9.15
N ILE A 331 6.52 -24.29 8.25
CA ILE A 331 6.59 -22.85 8.05
C ILE A 331 5.26 -22.28 7.59
N GLY A 332 4.32 -23.12 7.19
CA GLY A 332 2.97 -22.69 6.92
C GLY A 332 2.03 -23.25 7.96
N ARG A 333 0.88 -23.77 7.53
CA ARG A 333 -0.03 -24.44 8.45
C ARG A 333 -0.44 -25.80 7.89
N LEU A 334 -0.47 -25.91 6.56
CA LEU A 334 -0.87 -27.14 5.90
C LEU A 334 0.31 -28.11 5.81
N ARG A 335 0.01 -29.33 5.38
CA ARG A 335 1.00 -30.39 5.24
C ARG A 335 1.17 -30.70 3.76
N ARG A 336 2.40 -30.55 3.27
CA ARG A 336 2.71 -30.76 1.86
C ARG A 336 4.08 -31.40 1.75
N SER A 337 4.48 -31.71 0.52
CA SER A 337 5.77 -32.34 0.26
C SER A 337 6.53 -31.62 -0.84
N VAL A 338 5.82 -30.96 -1.74
CA VAL A 338 6.42 -30.27 -2.87
C VAL A 338 6.36 -28.77 -2.59
N MET A 339 7.52 -28.18 -2.35
CA MET A 339 7.57 -26.75 -2.05
C MET A 339 7.20 -25.95 -3.30
N PRO A 340 6.46 -24.85 -3.15
CA PRO A 340 6.17 -24.01 -4.32
C PRO A 340 7.45 -23.50 -4.96
N LYS A 341 7.43 -23.42 -6.30
CA LYS A 341 8.59 -22.93 -7.02
C LYS A 341 8.95 -21.53 -6.54
N LEU A 342 10.23 -21.32 -6.28
CA LEU A 342 10.71 -20.07 -5.71
C LEU A 342 10.80 -19.02 -6.81
N GLY A 343 11.46 -17.90 -6.51
CA GLY A 343 11.60 -16.85 -7.50
C GLY A 343 10.26 -16.21 -7.83
N GLY A 344 10.17 -15.70 -9.05
CA GLY A 344 8.95 -15.05 -9.52
C GLY A 344 8.85 -13.62 -9.04
N ARG A 345 7.90 -12.91 -9.63
CA ARG A 345 7.67 -11.51 -9.30
C ARG A 345 6.78 -11.40 -8.07
N SER A 346 7.02 -10.35 -7.28
CA SER A 346 6.27 -10.13 -6.04
C SER A 346 6.60 -11.21 -5.03
N GLY A 347 5.69 -11.49 -4.11
CA GLY A 347 5.92 -12.48 -3.09
C GLY A 347 4.79 -13.50 -3.00
N PHE A 348 4.09 -13.71 -4.11
CA PHE A 348 3.00 -14.69 -4.10
C PHE A 348 3.52 -16.08 -3.81
N ALA A 349 4.64 -16.46 -4.42
CA ALA A 349 5.23 -17.76 -4.10
C ALA A 349 5.65 -17.82 -2.63
N GLU A 350 6.29 -16.75 -2.15
CA GLU A 350 6.66 -16.70 -0.74
C GLU A 350 5.43 -16.69 0.16
N ARG A 351 4.36 -16.01 -0.27
CA ARG A 351 3.13 -16.01 0.52
C ARG A 351 2.57 -17.42 0.65
N ASN A 352 2.44 -18.13 -0.48
CA ASN A 352 1.93 -19.49 -0.44
C ASN A 352 2.88 -20.44 0.27
N ALA A 353 4.17 -20.09 0.36
CA ALA A 353 5.12 -20.94 1.06
C ALA A 353 4.87 -21.01 2.55
N ALA A 354 4.03 -20.12 3.09
CA ALA A 354 3.68 -20.13 4.50
C ALA A 354 2.18 -19.93 4.65
N CYS A 355 1.41 -20.72 3.90
CA CYS A 355 -0.04 -20.55 3.86
C CYS A 355 -0.64 -20.71 5.25
N GLY A 356 -1.65 -19.90 5.53
CA GLY A 356 -2.34 -19.93 6.80
C GLY A 356 -1.78 -19.01 7.86
N ARG A 357 -0.62 -18.39 7.61
CA ARG A 357 0.01 -17.49 8.55
C ARG A 357 0.15 -16.13 7.89
N ILE A 358 -0.62 -15.15 8.36
CA ILE A 358 -0.55 -13.81 7.77
C ILE A 358 0.86 -13.28 7.91
N ILE A 359 1.31 -12.53 6.90
CA ILE A 359 2.66 -12.01 6.83
C ILE A 359 2.58 -10.49 6.73
N CYS A 360 3.35 -9.80 7.59
CA CYS A 360 3.33 -8.35 7.68
C CYS A 360 4.73 -7.82 7.36
N ASP A 361 4.89 -7.25 6.17
CA ASP A 361 6.11 -6.57 5.78
C ASP A 361 5.95 -5.10 6.15
N ILE A 362 6.60 -4.68 7.23
CA ILE A 362 6.43 -3.31 7.71
C ILE A 362 6.78 -2.30 6.62
N GLU A 363 7.66 -2.69 5.70
CA GLU A 363 8.02 -1.78 4.61
C GLU A 363 6.80 -1.42 3.77
N ILE A 364 6.02 -2.43 3.37
CA ILE A 364 4.87 -2.17 2.50
C ILE A 364 3.80 -1.39 3.26
N SER A 365 3.56 -1.76 4.52
CA SER A 365 2.58 -1.03 5.32
C SER A 365 2.99 0.42 5.50
N ALA A 366 4.27 0.67 5.78
CA ALA A 366 4.75 2.04 5.93
C ALA A 366 4.60 2.80 4.63
N LYS A 367 4.91 2.17 3.50
CA LYS A 367 4.71 2.83 2.22
C LYS A 367 3.23 3.19 2.02
N GLU A 368 2.33 2.28 2.37
CA GLU A 368 0.91 2.54 2.20
C GLU A 368 0.44 3.69 3.09
N LEU A 369 0.92 3.74 4.33
CA LEU A 369 0.38 4.68 5.31
C LEU A 369 1.18 5.99 5.36
N ILE A 370 2.47 5.90 5.67
CA ILE A 370 3.28 7.08 5.89
C ILE A 370 4.14 7.35 4.66
N ARG A 371 4.65 8.58 4.57
CA ARG A 371 5.52 9.00 3.48
C ARG A 371 6.84 9.47 4.07
N CYS A 372 7.93 8.83 3.64
CA CYS A 372 9.26 9.14 4.17
C CYS A 372 10.26 9.21 3.03
N LYS A 373 11.38 9.88 3.29
CA LYS A 373 12.41 10.00 2.27
C LYS A 373 13.01 8.65 1.92
N SER A 374 13.23 7.80 2.93
CA SER A 374 13.76 6.46 2.72
C SER A 374 12.95 5.48 3.56
N TYR A 375 12.94 4.23 3.12
CA TYR A 375 12.14 3.19 3.76
C TYR A 375 12.99 2.10 4.39
N HIS A 376 14.31 2.23 4.39
CA HIS A 376 15.14 1.32 5.17
C HIS A 376 14.72 1.36 6.63
N LEU A 377 15.16 0.35 7.38
CA LEU A 377 14.79 0.27 8.79
C LEU A 377 15.29 1.49 9.56
N SER A 378 16.51 1.95 9.24
CA SER A 378 17.07 3.08 9.97
C SER A 378 16.21 4.32 9.80
N GLU A 379 15.80 4.63 8.57
CA GLU A 379 15.01 5.83 8.34
C GLU A 379 13.65 5.74 9.03
N LEU A 380 12.99 4.59 8.94
CA LEU A 380 11.70 4.43 9.60
C LEU A 380 11.83 4.59 11.10
N VAL A 381 12.87 4.00 11.69
CA VAL A 381 13.07 4.11 13.13
C VAL A 381 13.31 5.57 13.51
N HIS A 382 14.12 6.27 12.73
CA HIS A 382 14.42 7.66 13.03
C HIS A 382 13.23 8.59 12.76
N GLN A 383 12.26 8.15 11.98
CA GLN A 383 11.14 9.02 11.60
C GLN A 383 9.87 8.76 12.40
N ILE A 384 9.67 7.56 12.94
CA ILE A 384 8.45 7.23 13.67
C ILE A 384 8.70 7.16 15.18
N LEU A 385 9.56 6.24 15.62
CA LEU A 385 9.85 6.12 17.04
C LEU A 385 10.83 7.19 17.53
N LYS A 386 11.54 7.86 16.62
CA LYS A 386 12.52 8.87 16.98
C LYS A 386 13.61 8.26 17.87
N ALA A 387 14.32 7.28 17.32
CA ALA A 387 15.44 6.65 18.01
C ALA A 387 16.67 6.67 17.11
N GLU A 388 17.72 5.97 17.51
CA GLU A 388 18.93 5.83 16.70
C GLU A 388 19.21 4.34 16.52
N ARG A 389 19.29 3.91 15.27
CA ARG A 389 19.50 2.51 14.95
C ARG A 389 20.96 2.28 14.57
N VAL A 390 21.61 1.34 15.25
CA VAL A 390 23.00 1.00 14.97
C VAL A 390 23.03 -0.04 13.88
N VAL A 391 23.82 0.21 12.84
CA VAL A 391 23.95 -0.69 11.69
C VAL A 391 25.33 -1.31 11.75
N ILE A 392 25.36 -2.63 11.91
CA ILE A 392 26.64 -3.35 11.91
C ILE A 392 27.16 -3.44 10.48
N PRO A 393 28.39 -3.04 10.20
CA PRO A 393 28.91 -3.15 8.83
C PRO A 393 28.92 -4.61 8.39
N PRO A 394 28.63 -4.88 7.11
CA PRO A 394 28.61 -6.28 6.66
C PRO A 394 29.93 -6.99 6.88
N GLU A 395 31.05 -6.28 6.83
CA GLU A 395 32.34 -6.90 7.05
C GLU A 395 32.52 -7.33 8.50
N ASN A 396 31.98 -6.55 9.46
CA ASN A 396 32.18 -6.86 10.87
C ASN A 396 31.53 -8.19 11.24
N ILE A 397 30.35 -8.47 10.68
CA ILE A 397 29.62 -9.68 11.07
C ILE A 397 30.50 -10.91 10.88
N ARG A 398 31.16 -11.00 9.73
CA ARG A 398 32.08 -12.10 9.50
C ARG A 398 33.19 -12.13 10.55
N ASN A 399 33.64 -10.96 10.98
CA ASN A 399 34.65 -10.86 12.04
C ASN A 399 34.03 -10.71 13.42
N ALA A 400 32.70 -10.73 13.53
CA ALA A 400 32.06 -10.62 14.83
C ALA A 400 32.36 -11.83 15.70
N TYR A 401 32.52 -13.01 15.09
CA TYR A 401 32.80 -14.22 15.84
C TYR A 401 34.28 -14.33 16.17
N ASN A 402 34.84 -13.27 16.76
CA ASN A 402 36.20 -13.28 17.28
C ASN A 402 36.27 -12.95 18.75
N ASP A 403 35.28 -12.24 19.28
CA ASP A 403 35.15 -11.98 20.72
C ASP A 403 33.71 -12.25 21.11
N SER A 404 33.53 -13.04 22.18
CA SER A 404 32.18 -13.34 22.64
C SER A 404 31.39 -12.08 22.91
N VAL A 405 32.08 -11.01 23.34
CA VAL A 405 31.40 -9.75 23.57
C VAL A 405 30.74 -9.26 22.28
N HIS A 406 31.49 -9.30 21.18
CA HIS A 406 30.94 -8.82 19.91
C HIS A 406 29.93 -9.80 19.33
N LEU A 407 30.08 -11.10 19.60
CA LEU A 407 29.06 -12.05 19.17
C LEU A 407 27.73 -11.76 19.85
N LEU A 408 27.75 -11.60 21.17
CA LEU A 408 26.55 -11.22 21.89
C LEU A 408 26.06 -9.85 21.43
N TYR A 409 26.96 -8.95 21.07
CA TYR A 409 26.53 -7.65 20.55
C TYR A 409 25.75 -7.80 19.26
N MET A 410 26.22 -8.67 18.37
CA MET A 410 25.50 -8.92 17.12
C MET A 410 24.12 -9.52 17.40
N LEU A 411 24.07 -10.51 18.29
CA LEU A 411 22.78 -11.11 18.63
C LEU A 411 21.84 -10.08 19.22
N GLU A 412 22.35 -9.22 20.11
CA GLU A 412 21.53 -8.17 20.70
C GLU A 412 21.10 -7.14 19.65
N ASN A 413 21.94 -6.89 18.65
CA ASN A 413 21.54 -6.00 17.57
C ASN A 413 20.37 -6.58 16.80
N THR A 414 20.41 -7.89 16.52
CA THR A 414 19.27 -8.53 15.88
C THR A 414 18.03 -8.42 16.74
N TRP A 415 18.17 -8.66 18.05
CA TRP A 415 17.04 -8.53 18.96
C TRP A 415 16.48 -7.12 18.95
N ILE A 416 17.35 -6.12 18.94
CA ILE A 416 16.91 -4.73 18.96
C ILE A 416 16.20 -4.39 17.65
N ASP A 417 16.66 -4.94 16.53
CA ASP A 417 15.94 -4.75 15.28
C ASP A 417 14.55 -5.35 15.38
N ALA A 418 14.43 -6.54 15.98
CA ALA A 418 13.11 -7.15 16.15
C ALA A 418 12.20 -6.25 16.99
N LYS A 419 12.73 -5.74 18.10
CA LYS A 419 11.92 -4.87 18.95
C LYS A 419 11.52 -3.60 18.22
N PHE A 420 12.45 -3.04 17.44
CA PHE A 420 12.14 -1.85 16.64
C PHE A 420 11.01 -2.15 15.66
N ILE A 421 11.05 -3.31 15.01
CA ILE A 421 10.01 -3.65 14.05
C ILE A 421 8.67 -3.76 14.75
N LEU A 422 8.65 -4.41 15.92
CA LEU A 422 7.38 -4.56 16.63
C LEU A 422 6.84 -3.20 17.07
N GLN A 423 7.70 -2.33 17.58
CA GLN A 423 7.24 -1.00 17.98
C GLN A 423 6.73 -0.20 16.80
N ILE A 424 7.43 -0.29 15.65
CA ILE A 424 6.96 0.39 14.45
C ILE A 424 5.59 -0.11 14.06
N MET A 425 5.39 -1.43 14.10
CA MET A 425 4.09 -1.99 13.78
C MET A 425 3.02 -1.44 14.72
N CYS A 426 3.32 -1.39 16.01
CA CYS A 426 2.33 -0.91 16.98
C CYS A 426 1.99 0.55 16.75
N GLU A 427 3.00 1.39 16.52
CA GLU A 427 2.77 2.83 16.42
C GLU A 427 1.88 3.18 15.24
N LEU A 428 2.15 2.58 14.08
CA LEU A 428 1.33 2.82 12.90
C LEU A 428 -0.03 2.14 12.98
N ASN A 429 -0.24 1.29 13.97
CA ASN A 429 -1.48 0.50 14.07
C ASN A 429 -1.74 -0.25 12.77
N VAL A 430 -0.75 -1.06 12.40
CA VAL A 430 -0.81 -1.77 11.12
C VAL A 430 -1.87 -2.86 11.18
N LEU A 431 -1.90 -3.64 12.27
CA LEU A 431 -2.79 -4.80 12.31
C LEU A 431 -4.25 -4.39 12.45
N PRO A 432 -4.64 -3.57 13.42
CA PRO A 432 -6.05 -3.16 13.50
C PRO A 432 -6.52 -2.47 12.22
N LEU A 433 -5.68 -1.61 11.65
CA LEU A 433 -6.09 -0.92 10.42
C LEU A 433 -6.24 -1.89 9.27
N ALA A 434 -5.34 -2.87 9.17
CA ALA A 434 -5.46 -3.87 8.12
C ALA A 434 -6.73 -4.68 8.29
N LEU A 435 -7.05 -5.08 9.52
CA LEU A 435 -8.27 -5.83 9.76
C LEU A 435 -9.51 -5.00 9.40
N GLN A 436 -9.50 -3.73 9.78
CA GLN A 436 -10.64 -2.87 9.47
C GLN A 436 -10.82 -2.69 7.97
N ILE A 437 -9.71 -2.47 7.25
CA ILE A 437 -9.79 -2.31 5.80
C ILE A 437 -10.27 -3.59 5.15
N THR A 438 -9.80 -4.75 5.65
CA THR A 438 -10.24 -6.02 5.11
C THR A 438 -11.74 -6.22 5.33
N ASN A 439 -12.22 -5.88 6.53
CA ASN A 439 -13.64 -6.00 6.80
C ASN A 439 -14.45 -5.07 5.90
N ILE A 440 -13.95 -3.87 5.66
CA ILE A 440 -14.65 -2.93 4.79
C ILE A 440 -14.70 -3.48 3.37
N ALA A 441 -13.58 -4.00 2.88
CA ALA A 441 -13.51 -4.45 1.49
C ALA A 441 -14.13 -5.83 1.31
N GLY A 442 -13.56 -6.84 1.96
CA GLY A 442 -14.11 -8.17 1.91
C GLY A 442 -13.12 -9.26 1.52
N ASN A 443 -11.91 -8.87 1.13
CA ASN A 443 -10.92 -9.84 0.71
C ASN A 443 -10.33 -10.54 1.94
N VAL A 444 -9.29 -11.32 1.73
CA VAL A 444 -8.61 -12.01 2.83
C VAL A 444 -7.53 -11.10 3.38
N MET A 445 -7.28 -11.21 4.68
CA MET A 445 -6.35 -10.30 5.34
C MET A 445 -4.95 -10.44 4.79
N SER A 446 -4.52 -11.68 4.50
CA SER A 446 -3.17 -11.87 3.98
C SER A 446 -2.94 -11.09 2.70
N ARG A 447 -3.96 -10.98 1.85
CA ARG A 447 -3.82 -10.20 0.62
C ARG A 447 -3.85 -8.70 0.90
N THR A 448 -4.70 -8.27 1.84
CA THR A 448 -4.78 -6.84 2.14
C THR A 448 -3.46 -6.33 2.69
N LEU A 449 -2.82 -7.11 3.55
CA LEU A 449 -1.53 -6.68 4.11
C LEU A 449 -0.41 -6.70 3.09
N MET A 450 -0.63 -7.25 1.91
CA MET A 450 0.37 -7.31 0.87
C MET A 450 0.39 -6.07 -0.01
N GLY A 451 -0.42 -5.07 0.30
CA GLY A 451 -0.44 -3.85 -0.47
C GLY A 451 -1.35 -3.95 -1.68
N GLY A 452 -1.35 -2.88 -2.46
CA GLY A 452 -2.17 -2.81 -3.65
C GLY A 452 -3.62 -2.56 -3.33
N ARG A 453 -4.29 -1.78 -4.17
CA ARG A 453 -5.68 -1.40 -3.94
C ARG A 453 -6.66 -2.03 -4.90
N SER A 454 -6.19 -2.58 -6.04
CA SER A 454 -7.12 -3.15 -7.01
C SER A 454 -7.83 -4.36 -6.44
N GLU A 455 -7.12 -5.20 -5.68
CA GLU A 455 -7.75 -6.39 -5.11
C GLU A 455 -8.88 -6.00 -4.16
N ARG A 456 -8.64 -5.03 -3.28
CA ARG A 456 -9.65 -4.67 -2.29
C ARG A 456 -10.89 -4.10 -2.98
N ASN A 457 -10.69 -3.19 -3.94
CA ASN A 457 -11.85 -2.62 -4.62
C ASN A 457 -12.59 -3.68 -5.42
N GLU A 458 -11.85 -4.57 -6.08
CA GLU A 458 -12.48 -5.65 -6.82
C GLU A 458 -13.37 -6.48 -5.91
N TYR A 459 -12.85 -6.88 -4.75
CA TYR A 459 -13.65 -7.70 -3.85
C TYR A 459 -14.82 -6.92 -3.25
N LEU A 460 -14.62 -5.63 -3.00
CA LEU A 460 -15.71 -4.81 -2.46
C LEU A 460 -16.87 -4.75 -3.44
N LEU A 461 -16.59 -4.42 -4.70
CA LEU A 461 -17.64 -4.38 -5.69
C LEU A 461 -18.20 -5.78 -5.93
N LEU A 462 -17.36 -6.81 -5.82
CA LEU A 462 -17.84 -8.18 -5.95
C LEU A 462 -18.93 -8.47 -4.93
N HIS A 463 -18.67 -8.17 -3.66
CA HIS A 463 -19.68 -8.37 -2.63
C HIS A 463 -20.91 -7.51 -2.91
N ALA A 464 -20.69 -6.23 -3.23
CA ALA A 464 -21.81 -5.33 -3.43
C ALA A 464 -22.72 -5.80 -4.54
N PHE A 465 -22.17 -6.44 -5.57
CA PHE A 465 -22.97 -6.90 -6.70
C PHE A 465 -23.54 -8.29 -6.48
N THR A 466 -22.82 -9.17 -5.78
CA THR A 466 -23.35 -10.49 -5.50
C THR A 466 -24.54 -10.42 -4.55
N GLU A 467 -24.40 -9.66 -3.46
CA GLU A 467 -25.49 -9.57 -2.50
C GLU A 467 -26.72 -8.90 -3.09
N ASN A 468 -26.57 -8.22 -4.24
CA ASN A 468 -27.66 -7.46 -4.84
C ASN A 468 -28.18 -8.12 -6.12
N ASN A 469 -27.97 -9.42 -6.29
CA ASN A 469 -28.56 -10.17 -7.41
C ASN A 469 -28.01 -9.71 -8.76
N PHE A 470 -26.68 -9.71 -8.88
CA PHE A 470 -26.02 -9.43 -10.15
C PHE A 470 -25.06 -10.56 -10.48
N ILE A 471 -24.67 -10.64 -11.74
CA ILE A 471 -23.71 -11.62 -12.22
C ILE A 471 -22.40 -10.90 -12.49
N VAL A 472 -21.37 -11.23 -11.73
CA VAL A 472 -20.09 -10.53 -11.76
C VAL A 472 -19.31 -11.01 -12.98
N PRO A 473 -18.45 -10.17 -13.57
CA PRO A 473 -17.69 -10.62 -14.74
C PRO A 473 -16.63 -11.64 -14.37
N ASP A 474 -16.29 -12.47 -15.34
CA ASP A 474 -15.27 -13.49 -15.13
C ASP A 474 -13.91 -12.84 -14.93
N LYS A 475 -13.10 -13.46 -14.09
CA LYS A 475 -11.77 -12.93 -13.83
C LYS A 475 -10.98 -12.87 -15.14
N PRO A 476 -10.17 -11.85 -15.36
CA PRO A 476 -9.48 -11.74 -16.64
C PRO A 476 -8.27 -12.66 -16.70
N VAL A 477 -8.10 -13.29 -17.86
CA VAL A 477 -7.00 -14.25 -18.06
C VAL A 477 -5.74 -13.50 -18.46
N ALA A 505 -1.22 8.98 -20.42
CA ALA A 505 -2.52 9.66 -20.42
C ALA A 505 -3.50 8.93 -21.32
N ALA A 506 -4.67 8.61 -20.79
CA ALA A 506 -5.72 7.91 -21.52
C ALA A 506 -6.99 8.74 -21.67
N TYR A 507 -7.45 9.39 -20.61
CA TYR A 507 -8.69 10.14 -20.63
C TYR A 507 -8.48 11.49 -19.94
N ALA A 508 -9.35 12.44 -20.27
CA ALA A 508 -9.27 13.76 -19.65
C ALA A 508 -9.37 13.65 -18.14
N GLY A 509 -8.50 14.39 -17.45
CA GLY A 509 -8.38 14.30 -16.00
C GLY A 509 -8.57 15.65 -15.35
N GLY A 510 -7.73 15.90 -14.34
CA GLY A 510 -7.86 17.09 -13.54
C GLY A 510 -7.48 18.35 -14.30
N LEU A 511 -7.98 19.48 -13.80
CA LEU A 511 -7.71 20.78 -14.36
C LEU A 511 -6.98 21.63 -13.34
N VAL A 512 -5.87 22.24 -13.76
CA VAL A 512 -5.10 23.15 -12.92
C VAL A 512 -5.15 24.52 -13.55
N LEU A 513 -5.62 25.51 -12.78
CA LEU A 513 -5.76 26.86 -13.29
C LEU A 513 -4.39 27.48 -13.54
N GLU A 514 -4.34 28.40 -14.49
CA GLU A 514 -3.10 29.12 -14.75
C GLU A 514 -2.83 30.06 -13.58
N PRO A 515 -1.72 29.92 -12.87
CA PRO A 515 -1.51 30.72 -11.67
C PRO A 515 -0.84 32.06 -11.95
N LYS A 516 -1.24 33.07 -11.19
CA LYS A 516 -0.63 34.40 -11.28
C LYS A 516 0.55 34.44 -10.31
N VAL A 517 1.67 33.90 -10.77
CA VAL A 517 2.85 33.71 -9.93
C VAL A 517 3.20 35.03 -9.25
N GLY A 518 3.70 34.94 -8.03
CA GLY A 518 4.15 36.12 -7.32
C GLY A 518 4.05 35.95 -5.82
N PHE A 519 4.30 37.05 -5.12
CA PHE A 519 4.26 37.12 -3.68
C PHE A 519 3.08 37.98 -3.25
N TYR A 520 2.39 37.55 -2.19
CA TYR A 520 1.22 38.24 -1.67
C TYR A 520 1.39 38.43 -0.17
N ASP A 521 1.10 39.64 0.31
CA ASP A 521 1.24 39.97 1.71
C ASP A 521 -0.08 40.03 2.47
N LYS A 522 -1.18 40.28 1.79
CA LYS A 522 -2.49 40.30 2.44
C LYS A 522 -2.92 38.86 2.71
N PHE A 523 -4.18 38.68 3.12
CA PHE A 523 -4.69 37.37 3.50
C PHE A 523 -5.26 36.66 2.27
N ILE A 524 -4.79 35.44 2.03
CA ILE A 524 -5.25 34.62 0.91
C ILE A 524 -6.04 33.46 1.48
N LEU A 525 -7.28 33.31 1.03
CA LEU A 525 -8.19 32.31 1.57
C LEU A 525 -8.27 31.13 0.62
N LEU A 526 -7.98 29.93 1.13
CA LEU A 526 -7.98 28.70 0.34
C LEU A 526 -9.23 27.91 0.67
N LEU A 527 -10.13 27.78 -0.31
CA LEU A 527 -11.32 26.97 -0.23
C LEU A 527 -11.09 25.66 -0.97
N ASP A 528 -11.67 24.58 -0.46
CA ASP A 528 -11.47 23.26 -1.04
C ASP A 528 -12.73 22.43 -0.90
N PHE A 529 -12.88 21.45 -1.79
CA PHE A 529 -14.03 20.56 -1.77
C PHE A 529 -13.71 19.30 -0.98
N ASN A 530 -14.76 18.70 -0.43
CA ASN A 530 -14.64 17.54 0.44
C ASN A 530 -14.83 16.27 -0.39
N SER A 531 -13.73 15.54 -0.61
CA SER A 531 -13.77 14.28 -1.35
C SER A 531 -14.53 14.47 -2.67
N LEU A 532 -13.95 15.31 -3.53
CA LEU A 532 -14.69 15.78 -4.70
C LEU A 532 -15.16 14.62 -5.57
N TYR A 533 -14.28 13.64 -5.83
CA TYR A 533 -14.66 12.58 -6.77
C TYR A 533 -15.72 11.66 -6.19
N PRO A 534 -15.57 11.11 -4.99
CA PRO A 534 -16.68 10.32 -4.42
C PRO A 534 -17.97 11.11 -4.33
N SER A 535 -17.88 12.39 -4.00
CA SER A 535 -19.07 13.22 -3.93
C SER A 535 -19.72 13.34 -5.30
N ILE A 536 -18.92 13.48 -6.36
CA ILE A 536 -19.48 13.54 -7.71
C ILE A 536 -20.19 12.24 -8.03
N ILE A 537 -19.56 11.11 -7.70
CA ILE A 537 -20.17 9.82 -7.97
C ILE A 537 -21.53 9.73 -7.27
N GLN A 538 -21.57 10.14 -6.00
CA GLN A 538 -22.83 10.08 -5.25
C GLN A 538 -23.88 11.00 -5.85
N GLU A 539 -23.48 12.22 -6.21
CA GLU A 539 -24.47 13.22 -6.62
C GLU A 539 -25.04 12.89 -8.00
N TYR A 540 -24.19 12.53 -8.95
CA TYR A 540 -24.62 12.33 -10.33
C TYR A 540 -24.87 10.87 -10.67
N ASN A 541 -24.97 10.00 -9.67
CA ASN A 541 -25.35 8.61 -9.88
C ASN A 541 -24.43 7.93 -10.90
N ILE A 542 -23.14 8.21 -10.80
CA ILE A 542 -22.19 7.60 -11.72
C ILE A 542 -21.93 6.19 -11.24
N CYS A 543 -22.72 5.24 -11.75
CA CYS A 543 -22.71 3.87 -11.30
C CYS A 543 -22.54 2.93 -12.48
N PHE A 544 -22.38 1.65 -12.17
CA PHE A 544 -22.23 0.63 -13.21
C PHE A 544 -23.56 0.29 -13.87
N THR A 545 -24.67 0.39 -13.13
CA THR A 545 -25.96 -0.08 -13.59
C THR A 545 -26.82 1.03 -14.18
N THR A 546 -26.29 2.24 -14.30
CA THR A 546 -27.08 3.37 -14.77
C THR A 546 -26.45 4.04 -15.98
N VAL A 547 -25.12 4.08 -16.04
CA VAL A 547 -24.42 4.76 -17.12
C VAL A 547 -24.52 3.90 -18.37
N HIS A 548 -25.29 4.36 -19.35
CA HIS A 548 -25.49 3.63 -20.59
C HIS A 548 -24.28 3.86 -21.49
N ARG A 549 -23.30 2.97 -21.39
CA ARG A 549 -22.06 3.08 -22.14
C ARG A 549 -22.30 2.68 -23.59
N GLU A 550 -21.21 2.63 -24.37
CA GLU A 550 -21.30 2.21 -25.76
C GLU A 550 -19.90 1.79 -26.20
N ALA A 551 -19.71 0.49 -26.42
CA ALA A 551 -18.41 -0.02 -26.82
C ALA A 551 -18.25 0.03 -28.34
N ASP A 561 -13.61 7.53 -27.53
CA ASP A 561 -13.30 7.98 -26.18
C ASP A 561 -14.21 9.13 -25.78
N GLU A 562 -15.51 8.98 -26.04
CA GLU A 562 -16.47 10.02 -25.71
C GLU A 562 -16.82 9.96 -24.22
N ILE A 563 -17.54 10.98 -23.77
CA ILE A 563 -17.98 11.08 -22.38
C ILE A 563 -19.46 10.68 -22.34
N PRO A 564 -19.81 9.55 -21.71
CA PRO A 564 -21.22 9.13 -21.71
C PRO A 564 -22.10 10.14 -20.98
N GLU A 565 -23.36 10.21 -21.41
CA GLU A 565 -24.29 11.15 -20.84
C GLU A 565 -24.56 10.83 -19.36
N LEU A 566 -24.93 11.86 -18.61
CA LEU A 566 -25.20 11.69 -17.20
C LEU A 566 -26.47 10.87 -17.01
N PRO A 567 -26.54 10.03 -15.98
CA PRO A 567 -27.74 9.22 -15.78
C PRO A 567 -28.93 10.06 -15.35
N HIS A 568 -30.12 9.54 -15.63
CA HIS A 568 -31.34 10.23 -15.23
C HIS A 568 -31.42 10.31 -13.72
N SER A 569 -31.93 11.44 -13.22
CA SER A 569 -32.01 11.65 -11.78
C SER A 569 -32.96 10.66 -11.13
N ASP A 570 -34.10 10.38 -11.77
CA ASP A 570 -35.13 9.56 -11.15
C ASP A 570 -34.63 8.15 -10.81
N LEU A 571 -33.56 7.69 -11.45
CA LEU A 571 -33.06 6.35 -11.19
C LEU A 571 -32.63 6.22 -9.73
N GLU A 572 -32.93 5.08 -9.14
CA GLU A 572 -32.53 4.82 -7.76
C GLU A 572 -31.01 4.68 -7.67
N MET A 573 -30.50 4.81 -6.45
CA MET A 573 -29.07 4.73 -6.23
C MET A 573 -28.54 3.38 -6.71
N GLY A 574 -27.35 3.40 -7.32
CA GLY A 574 -26.74 2.22 -7.87
C GLY A 574 -25.92 1.46 -6.85
N ILE A 575 -25.08 0.57 -7.36
CA ILE A 575 -24.28 -0.28 -6.48
C ILE A 575 -23.02 0.44 -6.01
N LEU A 576 -22.24 0.96 -6.96
CA LEU A 576 -21.00 1.65 -6.59
C LEU A 576 -21.25 2.86 -5.71
N PRO A 577 -22.23 3.73 -6.00
CA PRO A 577 -22.47 4.88 -5.11
C PRO A 577 -22.74 4.48 -3.68
N ARG A 578 -23.46 3.39 -3.44
CA ARG A 578 -23.77 3.00 -2.07
C ARG A 578 -22.50 2.68 -1.29
N GLU A 579 -21.60 1.89 -1.89
CA GLU A 579 -20.35 1.56 -1.23
C GLU A 579 -19.49 2.79 -1.03
N ILE A 580 -19.42 3.65 -2.05
CA ILE A 580 -18.59 4.86 -1.91
C ILE A 580 -19.15 5.75 -0.81
N ARG A 581 -20.47 5.82 -0.69
CA ARG A 581 -21.10 6.62 0.36
C ARG A 581 -20.82 6.03 1.73
N LYS A 582 -20.86 4.71 1.84
CA LYS A 582 -20.53 4.08 3.12
C LYS A 582 -19.10 4.40 3.54
N LEU A 583 -18.16 4.31 2.59
CA LEU A 583 -16.78 4.64 2.91
C LEU A 583 -16.62 6.10 3.28
N VAL A 584 -17.29 7.00 2.55
CA VAL A 584 -17.23 8.42 2.87
C VAL A 584 -17.80 8.67 4.26
N GLU A 585 -18.87 7.97 4.61
CA GLU A 585 -19.47 8.13 5.93
C GLU A 585 -18.52 7.67 7.02
N ARG A 586 -17.83 6.55 6.80
CA ARG A 586 -16.86 6.10 7.80
C ARG A 586 -15.74 7.11 7.96
N ARG A 587 -15.23 7.65 6.85
CA ARG A 587 -14.20 8.68 6.94
C ARG A 587 -14.69 9.91 7.68
N ARG A 588 -15.93 10.33 7.39
CA ARG A 588 -16.49 11.50 8.06
C ARG A 588 -16.64 11.26 9.56
N HIS A 589 -17.07 10.05 9.94
CA HIS A 589 -17.20 9.74 11.36
C HIS A 589 -15.84 9.78 12.03
N VAL A 590 -14.80 9.23 11.39
CA VAL A 590 -13.46 9.28 11.99
C VAL A 590 -13.01 10.72 12.13
N LYS A 591 -13.24 11.55 11.11
CA LYS A 591 -12.87 12.95 11.20
C LYS A 591 -13.58 13.64 12.36
N GLN A 592 -14.90 13.42 12.47
CA GLN A 592 -15.66 14.05 13.54
C GLN A 592 -15.16 13.61 14.91
N LEU A 593 -14.83 12.33 15.05
CA LEU A 593 -14.24 11.86 16.30
C LEU A 593 -12.92 12.57 16.56
N MET A 594 -12.12 12.76 15.53
CA MET A 594 -10.90 13.55 15.67
C MET A 594 -11.20 14.95 16.18
N LYS A 595 -12.35 15.51 15.79
CA LYS A 595 -12.71 16.86 16.21
C LYS A 595 -12.94 16.98 17.70
N GLN A 596 -13.07 15.86 18.42
CA GLN A 596 -13.31 15.91 19.85
C GLN A 596 -12.16 16.65 20.55
N PRO A 597 -12.43 17.68 21.33
CA PRO A 597 -11.33 18.43 21.97
C PRO A 597 -10.63 17.60 23.03
N ASP A 598 -9.36 17.95 23.27
CA ASP A 598 -8.55 17.31 24.30
C ASP A 598 -8.33 15.83 23.99
N LEU A 599 -7.67 15.57 22.87
CA LEU A 599 -7.29 14.22 22.45
C LEU A 599 -5.78 14.07 22.52
N ASN A 600 -5.33 12.88 22.90
CA ASN A 600 -3.90 12.65 23.03
C ASN A 600 -3.23 12.79 21.67
N PRO A 601 -2.01 13.32 21.61
CA PRO A 601 -1.34 13.44 20.30
C PRO A 601 -1.15 12.12 19.58
N ASP A 602 -0.84 11.05 20.30
CA ASP A 602 -0.63 9.75 19.65
C ASP A 602 -1.94 9.23 19.05
N LEU A 603 -3.03 9.33 19.81
CA LEU A 603 -4.33 8.95 19.26
C LEU A 603 -4.71 9.84 18.09
N TYR A 604 -4.32 11.12 18.14
CA TYR A 604 -4.55 12.00 17.00
C TYR A 604 -3.80 11.51 15.77
N LEU A 605 -2.55 11.09 15.93
CA LEU A 605 -1.79 10.55 14.82
C LEU A 605 -2.45 9.29 14.26
N GLN A 606 -2.91 8.42 15.15
CA GLN A 606 -3.58 7.20 14.70
C GLN A 606 -4.84 7.54 13.89
N TYR A 607 -5.63 8.49 14.39
CA TYR A 607 -6.84 8.88 13.67
C TYR A 607 -6.49 9.50 12.32
N ASP A 608 -5.42 10.30 12.28
CA ASP A 608 -4.99 10.89 11.00
C ASP A 608 -4.62 9.80 10.00
N ILE A 609 -3.87 8.80 10.46
CA ILE A 609 -3.48 7.71 9.56
C ILE A 609 -4.71 6.97 9.07
N ARG A 610 -5.66 6.69 9.96
CA ARG A 610 -6.86 5.97 9.54
C ARG A 610 -7.67 6.76 8.53
N GLN A 611 -7.82 8.06 8.78
CA GLN A 611 -8.56 8.90 7.84
C GLN A 611 -7.86 8.97 6.49
N LYS A 612 -6.53 9.07 6.49
CA LYS A 612 -5.80 9.06 5.23
C LYS A 612 -6.02 7.74 4.50
N ALA A 613 -6.01 6.63 5.23
CA ALA A 613 -6.24 5.33 4.60
C ALA A 613 -7.62 5.27 3.97
N LEU A 614 -8.64 5.76 4.68
CA LEU A 614 -10.00 5.73 4.12
C LEU A 614 -10.10 6.61 2.89
N LYS A 615 -9.49 7.80 2.92
CA LYS A 615 -9.51 8.65 1.75
C LYS A 615 -8.83 7.98 0.57
N LEU A 616 -7.68 7.34 0.82
CA LEU A 616 -6.99 6.63 -0.25
C LEU A 616 -7.84 5.49 -0.78
N THR A 617 -8.59 4.82 0.09
CA THR A 617 -9.45 3.73 -0.35
C THR A 617 -10.56 4.24 -1.26
N ALA A 618 -11.18 5.36 -0.91
CA ALA A 618 -12.20 5.93 -1.78
C ALA A 618 -11.60 6.34 -3.12
N ASN A 619 -10.44 7.00 -3.08
CA ASN A 619 -9.79 7.42 -4.31
C ASN A 619 -9.42 6.21 -5.18
N SER A 620 -8.96 5.13 -4.54
CA SER A 620 -8.63 3.92 -5.28
C SER A 620 -9.86 3.24 -5.84
N MET A 621 -10.98 3.31 -5.13
CA MET A 621 -12.22 2.78 -5.69
C MET A 621 -12.59 3.54 -6.95
N TYR A 622 -12.40 4.85 -6.94
CA TYR A 622 -12.58 5.60 -8.19
C TYR A 622 -11.58 5.16 -9.25
N GLY A 623 -10.31 4.99 -8.86
CA GLY A 623 -9.26 4.75 -9.84
C GLY A 623 -9.40 3.40 -10.52
N CYS A 624 -9.81 2.37 -9.78
CA CYS A 624 -9.93 1.04 -10.36
C CYS A 624 -10.89 1.02 -11.55
N LEU A 625 -11.79 2.00 -11.64
CA LEU A 625 -12.61 2.12 -12.83
C LEU A 625 -11.77 2.44 -14.07
N GLY A 626 -10.54 2.89 -13.89
CA GLY A 626 -9.69 3.26 -15.00
C GLY A 626 -8.56 2.28 -15.25
N PHE A 627 -8.33 1.36 -14.33
CA PHE A 627 -7.28 0.37 -14.52
C PHE A 627 -7.64 -0.55 -15.68
N SER A 628 -6.73 -0.67 -16.65
CA SER A 628 -6.98 -1.51 -17.80
C SER A 628 -6.87 -3.00 -17.47
N TYR A 629 -6.20 -3.34 -16.38
CA TYR A 629 -6.04 -4.73 -15.95
C TYR A 629 -6.92 -5.04 -14.75
N SER A 630 -8.14 -4.49 -14.73
CA SER A 630 -9.05 -4.63 -13.60
C SER A 630 -10.29 -5.42 -13.99
N ARG A 631 -10.84 -6.13 -13.01
CA ARG A 631 -12.08 -6.87 -13.23
C ARG A 631 -13.22 -5.97 -13.63
N PHE A 632 -13.19 -4.71 -13.20
CA PHE A 632 -14.26 -3.75 -13.44
C PHE A 632 -13.76 -2.53 -14.20
N TYR A 633 -12.96 -2.75 -15.24
CA TYR A 633 -12.49 -1.64 -16.06
C TYR A 633 -13.67 -0.90 -16.68
N ALA A 634 -13.78 0.38 -16.40
CA ALA A 634 -14.90 1.19 -16.85
C ALA A 634 -14.44 2.56 -17.31
N LYS A 635 -13.39 2.59 -18.14
CA LYS A 635 -12.82 3.85 -18.63
C LYS A 635 -13.85 4.94 -18.88
N PRO A 636 -14.99 4.69 -19.53
CA PRO A 636 -15.98 5.77 -19.66
C PRO A 636 -16.45 6.32 -18.33
N LEU A 637 -16.60 5.47 -17.30
CA LEU A 637 -17.04 5.96 -16.00
C LEU A 637 -16.00 6.90 -15.38
N ALA A 638 -14.73 6.51 -15.44
CA ALA A 638 -13.67 7.37 -14.91
C ALA A 638 -13.62 8.68 -15.70
N ALA A 639 -13.79 8.61 -17.02
CA ALA A 639 -13.81 9.82 -17.82
C ALA A 639 -14.96 10.73 -17.40
N LEU A 640 -16.14 10.16 -17.15
CA LEU A 640 -17.27 10.95 -16.71
C LEU A 640 -16.99 11.61 -15.35
N VAL A 641 -16.40 10.86 -14.42
CA VAL A 641 -16.08 11.41 -13.11
C VAL A 641 -15.12 12.60 -13.26
N THR A 642 -14.04 12.40 -14.02
CA THR A 642 -13.07 13.47 -14.18
C THR A 642 -13.68 14.67 -14.90
N HIS A 643 -14.53 14.43 -15.89
CA HIS A 643 -15.16 15.53 -16.60
C HIS A 643 -16.04 16.35 -15.69
N GLN A 644 -16.82 15.67 -14.84
CA GLN A 644 -17.65 16.40 -13.89
C GLN A 644 -16.80 17.16 -12.88
N GLY A 645 -15.65 16.60 -12.48
CA GLY A 645 -14.76 17.34 -11.61
C GLY A 645 -14.23 18.61 -12.26
N ARG A 646 -13.83 18.51 -13.53
CA ARG A 646 -13.38 19.71 -14.23
C ARG A 646 -14.50 20.73 -14.34
N GLU A 647 -15.71 20.26 -14.64
CA GLU A 647 -16.84 21.18 -14.74
C GLU A 647 -17.11 21.88 -13.42
N ILE A 648 -17.06 21.13 -12.32
CA ILE A 648 -17.34 21.72 -11.02
C ILE A 648 -16.28 22.75 -10.67
N LEU A 649 -15.01 22.45 -10.97
CA LEU A 649 -13.94 23.42 -10.68
C LEU A 649 -14.13 24.68 -11.51
N LEU A 650 -14.43 24.54 -12.79
CA LEU A 650 -14.64 25.71 -13.63
C LEU A 650 -15.82 26.54 -13.15
N HIS A 651 -16.92 25.88 -12.77
CA HIS A 651 -18.09 26.59 -12.29
C HIS A 651 -17.82 27.31 -10.97
N THR A 652 -17.08 26.66 -10.07
CA THR A 652 -16.71 27.32 -8.82
C THR A 652 -15.86 28.55 -9.08
N LYS A 653 -14.90 28.43 -10.00
CA LYS A 653 -14.09 29.60 -10.36
C LYS A 653 -14.97 30.70 -10.93
N GLU A 654 -15.93 30.34 -11.78
CA GLU A 654 -16.81 31.35 -12.36
C GLU A 654 -17.60 32.07 -11.28
N MET A 655 -18.13 31.32 -10.31
CA MET A 655 -18.91 31.94 -9.25
C MET A 655 -18.04 32.87 -8.40
N VAL A 656 -16.86 32.39 -8.00
CA VAL A 656 -15.98 33.21 -7.18
C VAL A 656 -15.61 34.49 -7.92
N GLN A 657 -15.31 34.39 -9.21
CA GLN A 657 -14.99 35.57 -10.00
C GLN A 657 -16.17 36.53 -10.07
N LYS A 658 -17.37 35.99 -10.31
CA LYS A 658 -18.55 36.84 -10.36
C LYS A 658 -18.81 37.53 -9.03
N MET A 659 -18.32 36.97 -7.93
CA MET A 659 -18.47 37.64 -6.63
C MET A 659 -17.55 38.84 -6.48
N ASN A 660 -16.79 39.22 -7.52
CA ASN A 660 -15.93 40.41 -7.51
C ASN A 660 -14.73 40.24 -6.58
N LEU A 661 -14.10 39.07 -6.63
CA LEU A 661 -12.84 38.81 -5.94
C LEU A 661 -11.81 38.35 -6.97
N GLU A 662 -10.62 38.01 -6.49
CA GLU A 662 -9.51 37.61 -7.35
C GLU A 662 -9.15 36.17 -7.08
N VAL A 663 -9.08 35.37 -8.15
CA VAL A 663 -8.67 33.97 -8.09
C VAL A 663 -7.23 33.87 -8.55
N ILE A 664 -6.46 32.98 -7.91
CA ILE A 664 -5.03 32.92 -8.15
C ILE A 664 -4.53 31.51 -8.42
N TYR A 665 -5.33 30.50 -8.08
CA TYR A 665 -4.84 29.12 -8.17
C TYR A 665 -6.00 28.16 -7.96
N GLY A 666 -5.75 26.90 -8.29
CA GLY A 666 -6.68 25.81 -8.03
C GLY A 666 -6.22 24.51 -8.66
N ASP A 667 -6.34 23.39 -7.94
CA ASP A 667 -5.91 22.08 -8.44
C ASP A 667 -7.07 21.08 -8.32
N THR A 668 -7.97 21.15 -9.28
CA THR A 668 -9.00 20.15 -9.55
C THR A 668 -10.10 20.07 -8.50
N ASP A 669 -9.88 20.63 -7.31
CA ASP A 669 -11.00 20.82 -6.39
C ASP A 669 -10.85 22.02 -5.47
N SER A 670 -9.81 22.84 -5.61
CA SER A 670 -9.52 23.92 -4.68
C SER A 670 -9.41 25.25 -5.42
N ILE A 671 -9.67 26.33 -4.70
CA ILE A 671 -9.55 27.68 -5.24
C ILE A 671 -8.96 28.59 -4.17
N MET A 672 -8.01 29.43 -4.58
CA MET A 672 -7.39 30.41 -3.71
C MET A 672 -7.88 31.80 -4.11
N ILE A 673 -8.31 32.58 -3.11
CA ILE A 673 -8.90 33.90 -3.33
C ILE A 673 -8.06 34.93 -2.62
N ASN A 674 -7.84 36.07 -3.29
CA ASN A 674 -7.13 37.21 -2.71
C ASN A 674 -8.14 38.07 -1.96
N THR A 675 -8.10 38.01 -0.62
CA THR A 675 -9.08 38.73 0.18
C THR A 675 -8.98 40.23 -0.03
N ASN A 676 -7.75 40.76 -0.06
CA ASN A 676 -7.51 42.21 -0.08
C ASN A 676 -7.93 42.84 1.25
N CYS A 677 -7.67 42.14 2.34
CA CYS A 677 -8.00 42.63 3.68
C CYS A 677 -6.90 42.21 4.64
N ASN A 678 -6.98 42.72 5.85
CA ASN A 678 -5.96 42.44 6.87
C ASN A 678 -6.55 41.90 8.16
N ASN A 679 -7.73 42.35 8.55
CA ASN A 679 -8.35 41.86 9.78
C ASN A 679 -8.79 40.42 9.60
N LEU A 680 -8.47 39.58 10.60
CA LEU A 680 -8.79 38.16 10.50
C LEU A 680 -10.29 37.91 10.48
N GLU A 681 -11.04 38.64 11.31
CA GLU A 681 -12.48 38.42 11.38
C GLU A 681 -13.14 38.66 10.03
N GLU A 682 -12.71 39.70 9.32
CA GLU A 682 -13.25 39.95 7.99
C GLU A 682 -12.90 38.80 7.05
N VAL A 683 -11.70 38.25 7.17
CA VAL A 683 -11.30 37.13 6.33
C VAL A 683 -12.23 35.95 6.56
N PHE A 684 -12.48 35.62 7.83
CA PHE A 684 -13.35 34.49 8.14
C PHE A 684 -14.78 34.74 7.67
N LYS A 685 -15.27 35.96 7.85
CA LYS A 685 -16.62 36.27 7.41
C LYS A 685 -16.77 36.12 5.90
N LEU A 686 -15.78 36.63 5.15
CA LEU A 686 -15.81 36.48 3.70
C LEU A 686 -15.74 35.01 3.32
N GLY A 687 -14.91 34.24 4.00
CA GLY A 687 -14.80 32.82 3.71
C GLY A 687 -16.12 32.11 3.92
N ASN A 688 -16.78 32.38 5.04
CA ASN A 688 -18.08 31.75 5.31
C ASN A 688 -19.10 32.16 4.27
N ARG A 689 -19.12 33.45 3.90
CA ARG A 689 -20.07 33.91 2.89
C ARG A 689 -19.88 33.17 1.58
N VAL A 690 -18.64 33.13 1.09
CA VAL A 690 -18.38 32.49 -0.20
C VAL A 690 -18.64 31.00 -0.13
N LYS A 691 -18.29 30.36 0.99
CA LYS A 691 -18.55 28.94 1.16
C LYS A 691 -20.04 28.65 1.06
N SER A 692 -20.86 29.43 1.77
CA SER A 692 -22.30 29.21 1.70
C SER A 692 -22.83 29.44 0.29
N GLU A 693 -22.38 30.51 -0.35
CA GLU A 693 -22.86 30.81 -1.70
C GLU A 693 -22.53 29.67 -2.66
N ILE A 694 -21.32 29.12 -2.56
CA ILE A 694 -20.93 28.02 -3.44
C ILE A 694 -21.74 26.77 -3.12
N ASN A 695 -21.87 26.43 -1.83
CA ASN A 695 -22.58 25.21 -1.44
C ASN A 695 -24.07 25.29 -1.74
N LYS A 696 -24.60 26.48 -1.98
CA LYS A 696 -26.03 26.59 -2.26
C LYS A 696 -26.47 25.86 -3.52
N SER A 697 -25.53 25.48 -4.38
CA SER A 697 -25.87 24.94 -5.70
C SER A 697 -25.65 23.45 -5.85
N TYR A 698 -25.23 22.75 -4.79
CA TYR A 698 -24.96 21.31 -4.86
C TYR A 698 -25.77 20.57 -3.80
N LYS A 699 -26.31 19.41 -4.18
CA LYS A 699 -27.15 18.66 -3.27
C LYS A 699 -26.34 17.97 -2.18
N LEU A 700 -25.14 17.53 -2.50
CA LEU A 700 -24.31 16.80 -1.55
C LEU A 700 -22.92 17.40 -1.40
N LEU A 701 -22.34 17.93 -2.46
CA LEU A 701 -20.96 18.40 -2.43
C LEU A 701 -20.81 19.52 -1.41
N GLU A 702 -19.69 19.50 -0.68
CA GLU A 702 -19.42 20.45 0.39
C GLU A 702 -18.09 21.15 0.12
N ILE A 703 -18.08 22.47 0.25
CA ILE A 703 -16.87 23.28 0.17
C ILE A 703 -16.54 23.76 1.57
N ASP A 704 -15.27 23.70 1.94
CA ASP A 704 -14.82 24.06 3.27
C ASP A 704 -13.65 25.02 3.19
N ILE A 705 -13.36 25.67 4.32
CA ILE A 705 -12.25 26.61 4.40
C ILE A 705 -10.96 25.82 4.56
N ASP A 706 -10.32 25.49 3.44
CA ASP A 706 -9.11 24.68 3.52
C ASP A 706 -8.02 25.38 4.30
N GLY A 707 -7.99 26.71 4.30
CA GLY A 707 -7.02 27.41 5.10
C GLY A 707 -7.02 28.90 4.87
N ILE A 708 -6.28 29.59 5.73
CA ILE A 708 -6.04 31.02 5.62
C ILE A 708 -4.54 31.25 5.61
N PHE A 709 -4.08 32.07 4.68
CA PHE A 709 -2.66 32.32 4.48
C PHE A 709 -2.37 33.79 4.77
N LYS A 710 -1.37 34.04 5.62
CA LYS A 710 -0.94 35.41 5.87
C LYS A 710 -0.07 35.94 4.74
N SER A 711 0.91 35.15 4.31
CA SER A 711 1.79 35.52 3.20
C SER A 711 1.89 34.33 2.25
N LEU A 712 1.81 34.61 0.96
CA LEU A 712 1.82 33.58 -0.07
C LEU A 712 2.97 33.80 -1.03
N LEU A 713 3.60 32.71 -1.46
CA LEU A 713 4.65 32.72 -2.47
C LEU A 713 4.29 31.64 -3.47
N LEU A 714 3.66 32.03 -4.59
CA LEU A 714 3.20 31.08 -5.60
C LEU A 714 4.20 31.12 -6.75
N LEU A 715 5.01 30.07 -6.89
CA LEU A 715 6.07 30.08 -7.89
C LEU A 715 5.53 29.67 -9.26
N LYS A 716 4.97 28.47 -9.34
CA LYS A 716 4.39 27.98 -10.58
C LYS A 716 3.21 27.06 -10.20
N LYS A 717 2.73 26.28 -11.16
CA LYS A 717 1.70 25.31 -10.86
C LYS A 717 2.23 24.27 -9.88
N LYS A 718 1.43 23.95 -8.86
CA LYS A 718 1.78 22.93 -7.88
C LYS A 718 3.10 23.26 -7.18
N LYS A 719 3.32 24.54 -6.90
CA LYS A 719 4.53 24.95 -6.19
C LYS A 719 4.28 26.28 -5.48
N TYR A 720 4.19 26.25 -4.15
CA TYR A 720 4.06 27.48 -3.40
C TYR A 720 4.45 27.24 -1.95
N ALA A 721 4.58 28.34 -1.22
CA ALA A 721 4.76 28.33 0.23
C ALA A 721 3.83 29.37 0.84
N ALA A 722 3.50 29.18 2.10
CA ALA A 722 2.56 30.08 2.74
C ALA A 722 2.69 29.98 4.26
N LEU A 723 2.05 30.92 4.94
CA LEU A 723 2.00 30.95 6.39
C LEU A 723 0.54 30.72 6.81
N THR A 724 0.21 29.46 7.10
CA THR A 724 -1.13 29.14 7.56
C THR A 724 -1.39 29.80 8.90
N VAL A 725 -2.63 30.24 9.11
CA VAL A 725 -3.04 30.94 10.31
C VAL A 725 -4.04 30.07 11.05
N GLU A 726 -3.70 29.70 12.28
CA GLU A 726 -4.58 28.91 13.13
C GLU A 726 -5.08 29.78 14.27
N PRO A 727 -6.38 30.04 14.38
CA PRO A 727 -6.87 30.83 15.51
C PRO A 727 -6.73 30.08 16.82
N THR A 728 -6.60 30.84 17.91
CA THR A 728 -6.47 30.29 19.24
C THR A 728 -7.56 30.76 20.20
N GLY A 729 -8.06 31.98 20.04
CA GLY A 729 -9.10 32.51 20.90
C GLY A 729 -8.87 33.99 21.15
N ASP A 730 -9.97 34.72 21.34
CA ASP A 730 -9.92 36.15 21.64
C ASP A 730 -9.19 36.93 20.54
N GLY A 731 -9.28 36.45 19.31
CA GLY A 731 -8.63 37.10 18.19
C GLY A 731 -7.18 36.74 17.99
N LYS A 732 -6.59 35.95 18.88
CA LYS A 732 -5.21 35.54 18.72
C LYS A 732 -5.09 34.51 17.60
N TYR A 733 -4.03 34.63 16.81
CA TYR A 733 -3.82 33.75 15.67
C TYR A 733 -2.36 33.37 15.59
N VAL A 734 -2.07 32.07 15.72
CA VAL A 734 -0.70 31.58 15.58
C VAL A 734 -0.45 31.26 14.10
N THR A 735 0.81 31.18 13.73
CA THR A 735 1.22 30.97 12.34
C THR A 735 2.08 29.72 12.24
N LYS A 736 1.88 28.97 11.15
CA LYS A 736 2.68 27.79 10.86
C LYS A 736 3.05 27.78 9.39
N GLN A 737 4.32 27.53 9.10
CA GLN A 737 4.82 27.61 7.73
C GLN A 737 4.51 26.31 7.00
N GLU A 738 3.81 26.41 5.86
CA GLU A 738 3.44 25.26 5.06
C GLU A 738 3.98 25.42 3.65
N LEU A 739 4.73 24.42 3.18
CA LEU A 739 5.28 24.40 1.83
C LEU A 739 4.63 23.26 1.05
N LYS A 740 4.19 23.56 -0.16
CA LYS A 740 3.51 22.58 -1.02
C LYS A 740 4.18 22.59 -2.39
N GLY A 741 5.00 21.59 -2.67
CA GLY A 741 5.57 21.39 -3.98
C GLY A 741 6.99 21.90 -4.16
N LEU A 742 7.52 22.65 -3.21
CA LEU A 742 8.84 23.24 -3.38
C LEU A 742 9.89 22.14 -3.59
N ASP A 743 11.06 22.57 -4.04
CA ASP A 743 12.19 21.67 -4.22
C ASP A 743 12.85 21.31 -2.90
N ILE A 744 12.49 21.98 -1.80
CA ILE A 744 13.04 21.63 -0.48
C ILE A 744 12.32 20.46 0.15
N VAL A 745 11.19 20.02 -0.42
CA VAL A 745 10.40 18.95 0.16
C VAL A 745 10.48 17.73 -0.73
N ARG A 746 11.59 17.56 -1.44
CA ARG A 746 11.80 16.43 -2.32
C ARG A 746 13.16 15.80 -2.03
N ARG A 747 13.22 14.48 -2.15
CA ARG A 747 14.42 13.74 -1.77
C ARG A 747 15.47 13.71 -2.86
N ASP A 748 15.36 14.55 -3.89
CA ASP A 748 16.33 14.59 -4.98
C ASP A 748 17.20 15.85 -4.93
N TRP A 749 17.29 16.49 -3.78
CA TRP A 749 18.12 17.67 -3.60
C TRP A 749 18.93 17.53 -2.31
N CYS A 750 20.13 18.09 -2.32
CA CYS A 750 21.03 17.92 -1.19
C CYS A 750 20.49 18.64 0.03
N GLU A 751 20.91 18.16 1.21
CA GLU A 751 20.50 18.80 2.45
C GLU A 751 21.03 20.22 2.54
N LEU A 752 22.18 20.50 1.92
CA LEU A 752 22.67 21.86 1.84
C LEU A 752 21.65 22.77 1.18
N ALA A 753 21.18 22.38 -0.01
CA ALA A 753 20.16 23.16 -0.70
C ALA A 753 18.88 23.21 0.11
N LYS A 754 18.53 22.11 0.79
CA LYS A 754 17.32 22.09 1.58
C LYS A 754 17.36 23.15 2.67
N GLN A 755 18.43 23.19 3.45
CA GLN A 755 18.54 24.17 4.52
C GLN A 755 18.60 25.58 3.97
N ALA A 756 19.37 25.79 2.89
CA ALA A 756 19.47 27.14 2.33
C ALA A 756 18.10 27.63 1.88
N GLY A 757 17.37 26.79 1.15
CA GLY A 757 16.04 27.19 0.70
C GLY A 757 15.08 27.39 1.85
N ASN A 758 15.20 26.56 2.90
CA ASN A 758 14.34 26.74 4.06
C ASN A 758 14.54 28.11 4.69
N TYR A 759 15.81 28.50 4.90
CA TYR A 759 16.07 29.82 5.47
C TYR A 759 15.59 30.92 4.54
N VAL A 760 15.85 30.79 3.24
CA VAL A 760 15.47 31.83 2.30
C VAL A 760 13.96 32.02 2.29
N ILE A 761 13.22 30.91 2.27
CA ILE A 761 11.76 31.00 2.30
C ILE A 761 11.29 31.58 3.62
N SER A 762 11.90 31.18 4.73
CA SER A 762 11.54 31.73 6.03
C SER A 762 11.63 33.26 6.00
N GLN A 763 12.73 33.77 5.46
CA GLN A 763 12.87 35.22 5.35
C GLN A 763 11.84 35.82 4.41
N ILE A 764 11.70 35.26 3.20
CA ILE A 764 10.83 35.85 2.20
C ILE A 764 9.39 35.88 2.66
N LEU A 765 9.01 35.03 3.62
CA LEU A 765 7.64 34.96 4.08
C LEU A 765 7.37 35.81 5.32
N SER A 766 8.40 36.21 6.05
CA SER A 766 8.21 36.94 7.29
C SER A 766 7.67 38.33 7.01
N ASP A 767 7.47 39.09 8.08
CA ASP A 767 6.89 40.43 8.01
C ASP A 767 7.92 41.55 8.01
N GLN A 768 9.21 41.21 8.00
CA GLN A 768 10.23 42.23 8.03
C GLN A 768 10.23 43.03 6.73
N PRO A 769 10.73 44.27 6.75
CA PRO A 769 10.76 45.07 5.51
C PRO A 769 11.66 44.42 4.47
N ARG A 770 11.39 44.75 3.21
CA ARG A 770 12.04 44.05 2.11
C ARG A 770 13.55 44.20 2.16
N ASP A 771 14.04 45.41 2.45
CA ASP A 771 15.47 45.65 2.42
C ASP A 771 16.21 44.77 3.41
N SER A 772 15.70 44.68 4.64
CA SER A 772 16.35 43.83 5.63
C SER A 772 16.29 42.37 5.24
N ILE A 773 15.19 41.94 4.62
CA ILE A 773 15.08 40.56 4.15
C ILE A 773 16.16 40.27 3.13
N VAL A 774 16.34 41.18 2.16
CA VAL A 774 17.35 40.99 1.13
C VAL A 774 18.74 40.95 1.75
N GLU A 775 19.01 41.86 2.69
CA GLU A 775 20.32 41.87 3.33
C GLU A 775 20.59 40.58 4.10
N ASN A 776 19.57 40.09 4.81
CA ASN A 776 19.73 38.84 5.54
C ASN A 776 19.99 37.68 4.58
N ILE A 777 19.26 37.64 3.47
CA ILE A 777 19.48 36.59 2.47
C ILE A 777 20.91 36.64 1.97
N GLN A 778 21.39 37.85 1.67
CA GLN A 778 22.75 38.00 1.18
C GLN A 778 23.76 37.51 2.20
N LYS A 779 23.59 37.90 3.46
CA LYS A 779 24.53 37.49 4.49
C LYS A 779 24.54 35.98 4.65
N LYS A 780 23.37 35.36 4.68
CA LYS A 780 23.33 33.91 4.86
C LYS A 780 23.92 33.17 3.67
N LEU A 781 23.65 33.66 2.45
CA LEU A 781 24.22 33.02 1.27
C LEU A 781 25.74 33.15 1.27
N THR A 782 26.27 34.31 1.65
CA THR A 782 27.72 34.45 1.76
C THR A 782 28.28 33.51 2.82
N GLU A 783 27.57 33.37 3.94
CA GLU A 783 28.05 32.48 4.99
C GLU A 783 28.10 31.03 4.52
N ILE A 784 27.06 30.58 3.82
CA ILE A 784 27.05 29.19 3.35
C ILE A 784 28.12 29.00 2.27
N GLY A 785 28.32 30.00 1.41
CA GLY A 785 29.39 29.90 0.44
C GLY A 785 30.74 29.75 1.09
N GLU A 786 31.02 30.58 2.10
CA GLU A 786 32.30 30.48 2.81
C GLU A 786 32.43 29.13 3.48
N ASN A 787 31.36 28.64 4.10
CA ASN A 787 31.42 27.34 4.77
C ASN A 787 31.74 26.23 3.78
N VAL A 788 31.05 26.22 2.64
CA VAL A 788 31.26 25.16 1.65
C VAL A 788 32.68 25.24 1.09
N THR A 789 33.14 26.45 0.76
CA THR A 789 34.48 26.57 0.20
C THR A 789 35.53 26.12 1.20
N ASN A 790 35.29 26.33 2.49
CA ASN A 790 36.21 25.89 3.53
C ASN A 790 35.94 24.48 4.00
N GLY A 791 34.92 23.82 3.47
CA GLY A 791 34.62 22.46 3.87
C GLY A 791 34.01 22.32 5.25
N THR A 792 33.41 23.38 5.79
CA THR A 792 32.80 23.31 7.11
C THR A 792 31.55 22.45 7.10
N VAL A 793 30.83 22.43 5.98
CA VAL A 793 29.58 21.66 5.93
C VAL A 793 29.90 20.18 6.12
N PRO A 794 29.07 19.41 6.82
CA PRO A 794 29.38 18.00 7.04
C PRO A 794 29.05 17.15 5.81
N ILE A 795 29.52 15.91 5.85
CA ILE A 795 29.35 15.01 4.71
C ILE A 795 27.87 14.70 4.50
N THR A 796 27.15 14.42 5.60
CA THR A 796 25.79 13.92 5.49
C THR A 796 24.87 14.89 4.76
N GLN A 797 25.21 16.17 4.71
CA GLN A 797 24.35 17.15 4.06
C GLN A 797 24.50 17.16 2.55
N TYR A 798 25.37 16.30 2.00
CA TYR A 798 25.59 16.26 0.57
C TYR A 798 24.79 15.19 -0.15
N GLU A 799 24.27 14.20 0.56
CA GLU A 799 23.63 13.06 -0.08
C GLU A 799 22.42 13.51 -0.90
N ILE A 800 22.23 12.86 -2.05
CA ILE A 800 21.04 13.03 -2.87
C ILE A 800 20.41 11.66 -3.07
N ASN A 801 19.12 11.56 -2.78
CA ASN A 801 18.42 10.29 -2.77
C ASN A 801 17.54 10.14 -4.01
N LYS A 802 17.56 8.95 -4.60
CA LYS A 802 16.68 8.63 -5.71
C LYS A 802 16.23 7.18 -5.59
N ALA A 803 14.98 6.93 -5.94
CA ALA A 803 14.36 5.62 -5.78
C ALA A 803 14.27 4.92 -7.13
N LEU A 804 14.78 3.68 -7.19
CA LEU A 804 14.73 2.91 -8.41
C LEU A 804 13.32 2.44 -8.72
N THR A 805 13.04 2.24 -10.00
CA THR A 805 11.76 1.70 -10.45
C THR A 805 11.85 0.23 -10.82
N LYS A 806 12.94 -0.18 -11.45
CA LYS A 806 13.19 -1.57 -11.80
C LYS A 806 14.47 -2.03 -11.09
N ASP A 807 14.90 -3.25 -11.39
CA ASP A 807 16.16 -3.73 -10.87
C ASP A 807 17.31 -2.99 -11.55
N PRO A 808 18.49 -2.99 -10.92
CA PRO A 808 19.63 -2.30 -11.55
C PRO A 808 19.94 -2.80 -12.95
N GLN A 809 19.84 -4.12 -13.17
CA GLN A 809 20.20 -4.66 -14.47
C GLN A 809 19.17 -4.31 -15.53
N ASP A 810 17.89 -4.41 -15.20
CA ASP A 810 16.84 -4.21 -16.19
C ASP A 810 16.83 -2.80 -16.75
N TYR A 811 17.46 -1.85 -16.09
CA TYR A 811 17.48 -0.48 -16.58
C TYR A 811 18.26 -0.43 -17.89
N PRO A 812 17.67 0.07 -18.98
CA PRO A 812 18.41 0.12 -20.25
C PRO A 812 19.69 0.92 -20.09
N ASP A 813 20.74 0.47 -20.77
CA ASP A 813 22.05 1.10 -20.65
C ASP A 813 22.04 2.45 -21.37
N LYS A 814 21.21 3.38 -20.87
CA LYS A 814 21.17 4.74 -21.41
C LYS A 814 22.07 5.59 -20.52
N LYS A 815 23.34 5.63 -20.88
CA LYS A 815 24.36 6.28 -20.04
C LYS A 815 24.33 5.61 -18.67
N SER A 816 24.64 6.35 -17.61
CA SER A 816 24.77 5.82 -16.27
C SER A 816 24.05 6.72 -15.27
N LEU A 817 22.77 7.00 -15.53
CA LEU A 817 21.98 7.90 -14.69
C LEU A 817 22.36 7.71 -13.23
N PRO A 818 22.69 8.79 -12.51
CA PRO A 818 23.48 8.64 -11.28
C PRO A 818 23.05 7.49 -10.38
N HIS A 819 21.80 7.52 -9.92
CA HIS A 819 21.36 6.53 -8.94
C HIS A 819 21.63 5.12 -9.43
N VAL A 820 21.18 4.80 -10.64
CA VAL A 820 21.37 3.45 -11.17
C VAL A 820 22.85 3.09 -11.11
N HIS A 821 23.70 3.98 -11.61
CA HIS A 821 25.13 3.74 -11.53
C HIS A 821 25.51 3.32 -10.12
N VAL A 822 25.24 4.19 -9.15
CA VAL A 822 25.63 3.89 -7.78
C VAL A 822 25.01 2.59 -7.34
N ALA A 823 23.74 2.36 -7.69
CA ALA A 823 23.08 1.12 -7.32
C ALA A 823 23.92 -0.08 -7.73
N LEU A 824 24.39 -0.09 -8.98
CA LEU A 824 25.16 -1.23 -9.45
C LEU A 824 26.36 -1.46 -8.54
N TRP A 825 27.05 -0.39 -8.15
CA TRP A 825 28.21 -0.56 -7.28
C TRP A 825 27.83 -1.30 -6.01
N ILE A 826 26.73 -0.91 -5.39
CA ILE A 826 26.31 -1.59 -4.17
C ILE A 826 26.06 -3.06 -4.45
N ASN A 827 25.46 -3.38 -5.59
CA ASN A 827 25.27 -4.77 -5.96
C ASN A 827 26.61 -5.45 -6.24
N SER A 828 27.56 -4.72 -6.83
CA SER A 828 28.84 -5.33 -7.14
C SER A 828 29.56 -5.77 -5.87
N GLN A 829 29.54 -4.94 -4.84
CA GLN A 829 30.20 -5.29 -3.60
C GLN A 829 29.43 -6.39 -2.87
N GLY A 830 30.12 -7.03 -1.93
CA GLY A 830 29.53 -8.14 -1.19
C GLY A 830 28.64 -7.70 -0.05
N GLY A 831 27.44 -7.23 -0.38
CA GLY A 831 26.49 -6.78 0.62
C GLY A 831 25.08 -7.08 0.16
N ARG A 832 24.12 -6.75 1.04
CA ARG A 832 22.72 -6.97 0.72
C ARG A 832 22.34 -6.19 -0.52
N LYS A 833 21.64 -6.84 -1.44
CA LYS A 833 21.38 -6.26 -2.74
C LYS A 833 20.41 -5.09 -2.63
N VAL A 834 20.43 -4.22 -3.63
CA VAL A 834 19.50 -3.11 -3.72
C VAL A 834 18.55 -3.38 -4.89
N LYS A 835 17.41 -4.00 -4.59
CA LYS A 835 16.45 -4.36 -5.62
C LYS A 835 15.58 -3.15 -5.96
N ALA A 836 14.51 -3.38 -6.70
CA ALA A 836 13.65 -2.29 -7.13
C ALA A 836 12.92 -1.70 -5.93
N GLY A 837 12.38 -0.49 -6.13
CA GLY A 837 11.66 0.18 -5.07
C GLY A 837 12.51 0.44 -3.85
N ASP A 838 13.75 0.88 -4.04
CA ASP A 838 14.67 1.15 -2.95
C ASP A 838 15.29 2.52 -3.14
N THR A 839 15.45 3.25 -2.03
CA THR A 839 16.06 4.57 -2.06
C THR A 839 17.58 4.43 -1.97
N ILE A 840 18.27 5.02 -2.94
CA ILE A 840 19.73 4.98 -3.01
C ILE A 840 20.25 6.39 -2.91
N SER A 841 21.24 6.59 -2.04
CA SER A 841 21.83 7.90 -1.79
C SER A 841 23.20 7.96 -2.45
N TYR A 842 23.43 9.03 -3.22
CA TYR A 842 24.70 9.23 -3.92
C TYR A 842 25.14 10.67 -3.74
N VAL A 843 26.46 10.85 -3.77
CA VAL A 843 27.08 12.18 -3.69
C VAL A 843 27.98 12.36 -4.90
N ILE A 844 27.81 13.48 -5.60
CA ILE A 844 28.63 13.78 -6.76
C ILE A 844 29.99 14.27 -6.28
N CYS A 845 31.05 13.65 -6.78
CA CYS A 845 32.40 13.95 -6.31
C CYS A 845 33.35 14.22 -7.46
N GLN A 846 34.63 14.36 -7.16
CA GLN A 846 35.66 14.64 -8.15
C GLN A 846 36.80 13.65 -8.00
N ASP A 847 37.26 13.11 -9.12
CA ASP A 847 38.40 12.21 -9.13
C ASP A 847 39.31 12.47 -10.32
N GLY A 848 39.18 13.61 -10.99
CA GLY A 848 39.91 13.87 -12.21
C GLY A 848 39.36 13.17 -13.43
N SER A 849 38.17 12.58 -13.32
CA SER A 849 37.62 11.82 -14.44
C SER A 849 37.41 12.70 -15.67
N ASN A 850 37.16 13.99 -15.48
CA ASN A 850 36.90 14.90 -16.58
C ASN A 850 35.74 14.40 -17.44
N LEU A 851 34.70 13.90 -16.77
CA LEU A 851 33.48 13.44 -17.42
C LEU A 851 32.32 14.34 -17.03
N SER A 852 31.16 14.09 -17.64
CA SER A 852 29.97 14.85 -17.32
C SER A 852 29.61 14.64 -15.84
N ALA A 853 29.10 15.71 -15.22
CA ALA A 853 28.92 15.69 -13.77
C ALA A 853 28.03 14.54 -13.32
N SER A 854 27.06 14.14 -14.15
CA SER A 854 26.17 13.05 -13.75
C SER A 854 26.94 11.76 -13.54
N GLN A 855 27.90 11.47 -14.41
CA GLN A 855 28.57 10.19 -14.39
C GLN A 855 29.46 9.98 -13.17
N ARG A 856 29.72 11.02 -12.39
CA ARG A 856 30.66 10.93 -11.28
C ARG A 856 29.99 10.57 -9.96
N ALA A 857 28.69 10.29 -9.96
CA ALA A 857 28.01 9.93 -8.72
C ALA A 857 28.68 8.76 -8.05
N TYR A 858 28.91 8.88 -6.74
CA TYR A 858 29.58 7.85 -5.96
C TYR A 858 28.80 7.63 -4.67
N ALA A 859 29.27 6.68 -3.87
CA ALA A 859 28.63 6.34 -2.60
C ALA A 859 29.37 7.01 -1.45
N GLN A 860 28.60 7.37 -0.41
CA GLN A 860 29.18 8.05 0.73
C GLN A 860 30.25 7.21 1.40
N GLU A 861 29.99 5.91 1.57
CA GLU A 861 31.01 5.04 2.14
C GLU A 861 32.26 5.00 1.28
N GLN A 862 32.08 4.97 -0.04
CA GLN A 862 33.22 5.00 -0.94
C GLN A 862 34.05 6.26 -0.72
N LEU A 863 33.41 7.42 -0.72
CA LEU A 863 34.14 8.67 -0.54
C LEU A 863 34.85 8.71 0.80
N GLN A 864 34.17 8.28 1.86
CA GLN A 864 34.81 8.23 3.17
C GLN A 864 35.95 7.21 3.21
N LYS A 865 35.95 6.24 2.29
CA LYS A 865 36.98 5.21 2.25
C LYS A 865 38.11 5.55 1.30
N GLN A 866 37.80 5.82 0.04
CA GLN A 866 38.83 6.12 -0.94
C GLN A 866 39.56 7.41 -0.55
N GLU A 867 40.87 7.42 -0.80
CA GLU A 867 41.72 8.57 -0.49
C GLU A 867 42.03 9.41 -1.73
N ASN A 868 41.32 9.17 -2.83
CA ASN A 868 41.56 9.90 -4.07
C ASN A 868 40.30 10.58 -4.60
N LEU A 869 39.25 10.68 -3.80
CA LEU A 869 38.01 11.31 -4.21
C LEU A 869 37.67 12.45 -3.24
N SER A 870 37.03 13.48 -3.77
CA SER A 870 36.67 14.65 -2.97
C SER A 870 35.37 15.23 -3.51
N ILE A 871 34.70 16.01 -2.65
CA ILE A 871 33.39 16.54 -2.99
C ILE A 871 33.50 17.54 -4.14
N ASP A 872 32.42 17.68 -4.90
CA ASP A 872 32.38 18.60 -6.04
C ASP A 872 31.81 19.93 -5.58
N THR A 873 32.69 20.81 -5.13
CA THR A 873 32.27 22.07 -4.54
C THR A 873 31.51 22.93 -5.56
N GLN A 874 32.07 23.09 -6.75
CA GLN A 874 31.43 23.93 -7.76
C GLN A 874 30.10 23.35 -8.18
N TYR A 875 30.01 22.03 -8.31
CA TYR A 875 28.72 21.42 -8.63
C TYR A 875 27.69 21.74 -7.56
N TYR A 876 28.06 21.55 -6.30
CA TYR A 876 27.09 21.77 -5.22
C TYR A 876 26.67 23.23 -5.16
N LEU A 877 27.60 24.16 -5.38
CA LEU A 877 27.27 25.58 -5.30
C LEU A 877 26.72 26.14 -6.60
N SER A 878 26.65 25.35 -7.67
CA SER A 878 26.15 25.82 -8.96
C SER A 878 24.84 25.17 -9.36
N GLN A 879 24.75 23.84 -9.36
CA GLN A 879 23.58 23.15 -9.88
C GLN A 879 22.66 22.62 -8.80
N GLN A 880 23.06 22.67 -7.53
CA GLN A 880 22.24 22.16 -6.44
C GLN A 880 21.63 23.26 -5.57
N VAL A 881 22.33 24.37 -5.38
CA VAL A 881 21.84 25.46 -4.56
C VAL A 881 21.27 26.59 -5.42
N HIS A 882 22.04 27.04 -6.40
CA HIS A 882 21.63 28.20 -7.18
C HIS A 882 20.29 27.99 -7.87
N PRO A 883 20.01 26.87 -8.54
CA PRO A 883 18.69 26.72 -9.15
C PRO A 883 17.57 26.80 -8.13
N VAL A 884 17.77 26.21 -6.96
CA VAL A 884 16.74 26.20 -5.93
C VAL A 884 16.46 27.64 -5.48
N VAL A 885 17.51 28.37 -5.13
CA VAL A 885 17.30 29.73 -4.63
C VAL A 885 16.78 30.63 -5.74
N ALA A 886 17.18 30.38 -6.99
CA ALA A 886 16.69 31.21 -8.08
C ALA A 886 15.20 30.99 -8.31
N ARG A 887 14.75 29.74 -8.26
CA ARG A 887 13.32 29.48 -8.38
C ARG A 887 12.57 30.08 -7.19
N ILE A 888 13.15 29.97 -5.99
CA ILE A 888 12.48 30.49 -4.80
C ILE A 888 12.31 32.00 -4.89
N CYS A 889 13.34 32.71 -5.33
CA CYS A 889 13.35 34.17 -5.35
C CYS A 889 12.98 34.75 -6.70
N GLU A 890 12.30 33.98 -7.55
CA GLU A 890 11.97 34.49 -8.88
C GLU A 890 11.11 35.74 -8.83
N PRO A 891 10.01 35.79 -8.08
CA PRO A 891 9.15 36.98 -8.08
C PRO A 891 9.51 38.03 -7.04
N ILE A 892 10.55 37.81 -6.24
CA ILE A 892 10.95 38.76 -5.21
C ILE A 892 11.90 39.77 -5.81
N ASP A 893 11.53 41.04 -5.75
CA ASP A 893 12.39 42.09 -6.29
C ASP A 893 13.65 42.22 -5.45
N GLY A 894 14.76 42.55 -6.12
CA GLY A 894 16.02 42.78 -5.48
C GLY A 894 17.01 41.63 -5.61
N ILE A 895 16.55 40.44 -5.98
CA ILE A 895 17.41 39.28 -6.14
C ILE A 895 17.16 38.69 -7.53
N ASP A 896 18.24 38.47 -8.27
CA ASP A 896 18.19 37.80 -9.56
C ASP A 896 19.33 36.79 -9.61
N SER A 897 19.28 35.91 -10.61
CA SER A 897 20.23 34.80 -10.67
C SER A 897 21.67 35.29 -10.52
N ALA A 898 22.01 36.40 -11.19
CA ALA A 898 23.38 36.90 -11.13
C ALA A 898 23.77 37.26 -9.70
N LEU A 899 22.87 37.94 -8.98
CA LEU A 899 23.19 38.34 -7.61
C LEU A 899 23.40 37.12 -6.72
N ILE A 900 22.56 36.11 -6.87
CA ILE A 900 22.70 34.90 -6.05
C ILE A 900 24.03 34.24 -6.36
N ALA A 901 24.37 34.12 -7.65
CA ALA A 901 25.63 33.49 -8.02
C ALA A 901 26.81 34.25 -7.43
N MET A 902 26.77 35.58 -7.52
CA MET A 902 27.86 36.39 -6.97
C MET A 902 27.98 36.21 -5.47
N TRP A 903 26.85 36.29 -4.76
CA TRP A 903 26.89 36.20 -3.30
C TRP A 903 27.40 34.84 -2.85
N LEU A 904 26.97 33.77 -3.52
CA LEU A 904 27.35 32.43 -3.09
C LEU A 904 28.85 32.21 -3.14
N GLY A 905 29.58 33.04 -3.89
CA GLY A 905 30.99 32.84 -4.12
C GLY A 905 31.32 32.25 -5.48
N LEU A 906 30.29 31.87 -6.25
CA LEU A 906 30.50 31.35 -7.59
C LEU A 906 30.99 32.45 -8.52
N ASP A 907 31.62 32.03 -9.61
CA ASP A 907 32.01 32.97 -10.64
C ASP A 907 30.80 33.36 -11.47
N PRO A 908 30.46 34.65 -11.58
CA PRO A 908 29.26 35.03 -12.34
C PRO A 908 29.46 34.95 -13.84
N SER A 909 30.56 34.36 -14.28
CA SER A 909 30.84 34.24 -15.72
C SER A 909 29.70 33.52 -16.42
N GLN A 910 29.49 32.25 -16.09
CA GLN A 910 28.47 31.43 -16.74
C GLN A 910 27.13 31.49 -15.99
N PHE A 911 26.64 32.70 -15.75
CA PHE A 911 25.37 32.89 -15.07
C PHE A 911 24.81 34.28 -15.33
N1 DOC C 20 -4.03 15.51 -6.47
C2 DOC C 20 -4.12 14.41 -7.21
N3 DOC C 20 -3.57 13.26 -6.81
C4 DOC C 20 -2.93 13.18 -5.66
C5 DOC C 20 -2.81 14.32 -4.85
C6 DOC C 20 -3.37 15.48 -5.27
O2 DOC C 20 -4.71 14.46 -8.28
N4 DOC C 20 -2.37 11.99 -5.27
C1' DOC C 20 -4.64 16.76 -6.92
C2' DOC C 20 -6.14 16.78 -6.62
C3' DOC C 20 -6.20 17.59 -5.30
C4' DOC C 20 -5.04 18.60 -5.50
O4' DOC C 20 -4.03 17.86 -6.22
C5' DOC C 20 -4.48 19.05 -4.16
O5' DOC C 20 -3.06 18.91 -4.18
P DOC C 20 -2.20 18.98 -2.83
OP1 DOC C 20 -2.55 20.22 -2.10
OP2 DOC C 20 -2.25 17.56 -2.07
H5 DOC C 20 -2.36 14.28 -4.04
H6 DOC C 20 -3.31 16.24 -4.75
HN41 DOC C 20 -2.43 11.29 -5.77
HN42 DOC C 20 -1.94 11.94 -4.52
H1' DOC C 20 -4.49 16.86 -7.88
H2' DOC C 20 -6.63 17.24 -7.32
H2'' DOC C 20 -6.47 15.89 -6.49
H3'1 DOC C 20 -7.05 18.05 -5.22
H3'2 DOC C 20 -6.04 17.01 -4.54
H4' DOC C 20 -5.34 19.36 -6.01
H5' DOC C 20 -4.84 18.51 -3.44
H5'' DOC C 20 -4.71 19.98 -4.01
PG DGT D . -10.39 17.07 1.83
O1G DGT D . -10.02 18.11 0.67
O2G DGT D . -9.22 17.05 2.94
O3G DGT D . -11.67 17.45 2.47
O3B DGT D . -10.53 15.63 1.17
PB DGT D . -10.38 15.14 -0.36
O1B DGT D . -10.93 13.63 -0.50
O2B DGT D . -11.12 16.07 -1.26
O3A DGT D . -8.84 15.16 -0.78
PA DGT D . -8.08 15.89 -1.99
O1A DGT D . -8.57 17.43 -2.02
O2A DGT D . -6.62 15.84 -1.74
O5' DGT D . -8.42 15.13 -3.36
C5' DGT D . -9.15 15.71 -4.44
C4' DGT D . -9.44 14.68 -5.54
O4' DGT D . -8.22 14.23 -6.19
C3' DGT D . -10.05 13.38 -4.95
O3' DGT D . -11.45 13.52 -4.74
C2' DGT D . -9.75 12.39 -6.11
C1' DGT D . -8.36 12.85 -6.56
N9 DGT D . -7.33 12.05 -5.91
C8 DGT D . -6.53 12.48 -4.88
N7 DGT D . -5.72 11.53 -4.53
C5 DGT D . -5.94 10.44 -5.32
C6 DGT D . -5.36 9.16 -5.39
O6 DGT D . -4.47 8.84 -4.62
N1 DGT D . -5.83 8.30 -6.31
C2 DGT D . -6.82 8.67 -7.15
N2 DGT D . -7.29 7.78 -8.09
N3 DGT D . -7.38 9.87 -7.10
C4 DGT D . -6.97 10.77 -6.20
H5' DGT D . -8.65 16.45 -4.82
H5'A DGT D . -10.00 16.06 -4.10
H4' DGT D . -10.05 15.06 -6.20
H3' DGT D . -9.59 13.12 -4.14
HO3' DGT D . -11.65 13.97 -4.05
H2' DGT D . -10.41 12.49 -6.82
H2'A DGT D . -9.73 11.48 -5.78
H1' DGT D . -8.28 12.76 -7.53
H8 DGT D . -6.57 13.32 -4.49
HN2 DGT D . -6.93 6.98 -8.13
HN2A DGT D . -7.92 8.00 -8.62
H16 DGT D . -5.49 7.51 -6.37
MG MG E . -10.47 18.20 -1.40
#